data_1O9R
#
_entry.id   1O9R
#
_cell.length_a   106.046
_cell.length_b   90.349
_cell.length_c   105.656
_cell.angle_alpha   90.00
_cell.angle_beta   90.00
_cell.angle_gamma   90.00
#
_symmetry.space_group_name_H-M   'P 21 21 2'
#
loop_
_entity.id
_entity.type
_entity.pdbx_description
1 polymer 'AGROBACTERIUM TUMEFACIENS DPS'
2 non-polymer 'FE (III) ION'
3 non-polymer 2-AMINO-2-HYDROXYMETHYL-PROPANE-1,3-DIOL
4 non-polymer 1,2-ETHANEDIOL
5 water water
#
_entity_poly.entity_id   1
_entity_poly.type   'polypeptide(L)'
_entity_poly.pdbx_seq_one_letter_code
;MKTHKTKNDLPSNAKSTVIGILNESLASVIDLALVTKQAHWNLKGPQFIAVHELLDTFRTQLDNHGDTIAERVVQLGGTA
LGSLQAVSSTTKLKAYPTDIYKIHDHLDALIERYGEVANMIRKAIDDSDEAGDPTTADIFTAASRDLDKSLWFLEAHVQE
KS
;
_entity_poly.pdbx_strand_id   A,B,C,D,E,F
#
loop_
_chem_comp.id
_chem_comp.type
_chem_comp.name
_chem_comp.formula
EDO non-polymer 1,2-ETHANEDIOL 'C2 H6 O2'
FE non-polymer 'FE (III) ION' 'Fe 3'
TRS non-polymer 2-AMINO-2-HYDROXYMETHYL-PROPANE-1,3-DIOL 'C4 H12 N O3 1'
#
# COMPACT_ATOMS: atom_id res chain seq x y z
N MET A 1 4.00 19.47 -31.09
CA MET A 1 4.38 19.71 -29.66
C MET A 1 5.31 20.92 -29.58
N LYS A 2 5.64 21.36 -28.36
CA LYS A 2 6.49 22.51 -28.17
C LYS A 2 6.99 22.56 -26.73
N THR A 3 8.12 23.20 -26.56
CA THR A 3 8.82 23.40 -25.29
C THR A 3 8.22 24.54 -24.48
N HIS A 4 7.99 24.30 -23.17
CA HIS A 4 7.38 25.38 -22.37
C HIS A 4 8.46 26.02 -21.51
N LYS A 5 8.38 27.33 -21.36
CA LYS A 5 9.34 28.06 -20.56
C LYS A 5 9.16 27.83 -19.06
N THR A 6 10.32 27.67 -18.42
CA THR A 6 10.28 27.52 -16.96
C THR A 6 11.50 28.16 -16.33
N LYS A 7 11.36 28.60 -15.09
CA LYS A 7 12.42 29.15 -14.25
C LYS A 7 13.32 27.99 -13.79
N ASN A 8 12.87 26.74 -13.85
CA ASN A 8 13.67 25.56 -13.52
C ASN A 8 15.03 25.61 -14.25
N ASP A 9 16.14 25.67 -13.52
CA ASP A 9 17.44 25.93 -14.20
C ASP A 9 18.24 24.68 -14.49
N LEU A 10 17.67 23.49 -14.50
CA LEU A 10 18.40 22.30 -15.00
C LEU A 10 18.85 22.61 -16.42
N PRO A 11 20.11 22.40 -16.75
CA PRO A 11 20.55 22.74 -18.12
C PRO A 11 19.68 22.19 -19.20
N SER A 12 19.47 22.96 -20.27
CA SER A 12 18.62 22.55 -21.37
C SER A 12 18.99 21.19 -21.95
N ASN A 13 20.26 20.90 -22.14
CA ASN A 13 20.61 19.60 -22.72
C ASN A 13 20.21 18.48 -21.75
N ALA A 14 20.36 18.71 -20.45
CA ALA A 14 19.93 17.71 -19.45
C ALA A 14 18.40 17.58 -19.47
N LYS A 15 17.69 18.67 -19.58
CA LYS A 15 16.22 18.58 -19.70
C LYS A 15 15.84 17.72 -20.89
N SER A 16 16.44 17.98 -22.06
CA SER A 16 16.03 17.18 -23.23
C SER A 16 16.34 15.70 -23.03
N THR A 17 17.53 15.37 -22.53
CA THR A 17 17.89 13.97 -22.32
C THR A 17 16.88 13.28 -21.37
N VAL A 18 16.66 14.00 -20.26
CA VAL A 18 15.84 13.31 -19.22
C VAL A 18 14.40 13.24 -19.68
N ILE A 19 13.82 14.24 -20.38
CA ILE A 19 12.46 14.08 -20.92
C ILE A 19 12.36 12.82 -21.75
N GLY A 20 13.39 12.51 -22.61
CA GLY A 20 13.34 11.29 -23.39
C GLY A 20 13.29 10.01 -22.57
N ILE A 21 14.12 10.00 -21.49
CA ILE A 21 14.16 8.86 -20.58
C ILE A 21 12.78 8.71 -19.89
N LEU A 22 12.22 9.78 -19.40
CA LEU A 22 10.93 9.73 -18.68
C LEU A 22 9.84 9.29 -19.64
N ASN A 23 9.70 9.90 -20.84
CA ASN A 23 8.57 9.45 -21.69
C ASN A 23 8.77 8.01 -22.12
N GLU A 24 10.02 7.60 -22.37
CA GLU A 24 10.18 6.18 -22.72
C GLU A 24 9.72 5.25 -21.63
N SER A 25 10.16 5.55 -20.39
CA SER A 25 9.72 4.75 -19.23
C SER A 25 8.21 4.85 -19.02
N LEU A 26 7.62 6.02 -19.21
CA LEU A 26 6.18 6.15 -18.97
C LEU A 26 5.39 5.18 -19.82
N ALA A 27 5.81 5.02 -21.08
CA ALA A 27 5.01 4.14 -21.98
C ALA A 27 5.05 2.69 -21.50
N SER A 28 6.20 2.18 -21.08
CA SER A 28 6.24 0.80 -20.57
C SER A 28 5.57 0.64 -19.24
N VAL A 29 5.58 1.68 -18.39
CA VAL A 29 4.90 1.59 -17.08
C VAL A 29 3.40 1.61 -17.31
N ILE A 30 2.88 2.44 -18.22
CA ILE A 30 1.43 2.37 -18.51
C ILE A 30 1.06 1.01 -19.08
N ASP A 31 1.85 0.48 -20.04
CA ASP A 31 1.52 -0.87 -20.59
C ASP A 31 1.51 -1.86 -19.47
N LEU A 32 2.52 -1.82 -18.56
CA LEU A 32 2.53 -2.77 -17.46
C LEU A 32 1.31 -2.62 -16.55
N ALA A 33 0.84 -1.36 -16.39
CA ALA A 33 -0.37 -1.20 -15.57
C ALA A 33 -1.54 -1.91 -16.26
N LEU A 34 -1.67 -1.81 -17.60
CA LEU A 34 -2.77 -2.50 -18.29
C LEU A 34 -2.58 -4.00 -18.21
N VAL A 35 -1.35 -4.47 -18.34
CA VAL A 35 -1.06 -5.90 -18.23
C VAL A 35 -1.49 -6.46 -16.90
N THR A 36 -1.21 -5.69 -15.82
CA THR A 36 -1.50 -6.14 -14.47
C THR A 36 -2.99 -6.43 -14.27
N LYS A 37 -3.83 -5.51 -14.76
CA LYS A 37 -5.27 -5.74 -14.65
C LYS A 37 -5.72 -6.85 -15.61
N GLN A 38 -5.13 -6.95 -16.81
CA GLN A 38 -5.48 -8.02 -17.76
C GLN A 38 -5.30 -9.36 -17.09
N ALA A 39 -4.17 -9.57 -16.38
CA ALA A 39 -3.91 -10.84 -15.70
C ALA A 39 -4.83 -10.99 -14.53
N HIS A 40 -5.02 -9.95 -13.72
CA HIS A 40 -5.87 -10.00 -12.55
C HIS A 40 -7.28 -10.47 -12.85
N TRP A 41 -7.89 -10.01 -13.96
CA TRP A 41 -9.28 -10.43 -14.22
C TRP A 41 -9.39 -11.89 -14.61
N ASN A 42 -8.36 -12.39 -15.31
CA ASN A 42 -8.45 -13.67 -16.00
C ASN A 42 -7.73 -14.82 -15.35
N LEU A 43 -7.26 -14.66 -14.12
CA LEU A 43 -6.60 -15.70 -13.35
C LEU A 43 -7.56 -16.80 -12.99
N LYS A 44 -7.09 -18.05 -13.13
CA LYS A 44 -7.94 -19.16 -12.69
C LYS A 44 -7.07 -20.18 -11.99
N GLY A 45 -7.45 -20.69 -10.84
CA GLY A 45 -6.69 -21.77 -10.16
C GLY A 45 -6.73 -21.56 -8.68
N PRO A 46 -6.11 -22.43 -7.89
CA PRO A 46 -6.18 -22.47 -6.44
C PRO A 46 -5.66 -21.26 -5.67
N GLN A 47 -4.75 -20.56 -6.36
CA GLN A 47 -4.19 -19.38 -5.78
C GLN A 47 -4.97 -18.10 -6.13
N PHE A 48 -6.18 -18.21 -6.66
CA PHE A 48 -6.85 -17.05 -7.18
C PHE A 48 -6.89 -15.83 -6.25
N ILE A 49 -7.55 -15.92 -5.08
CA ILE A 49 -7.84 -14.63 -4.42
C ILE A 49 -6.60 -13.83 -4.04
N ALA A 50 -5.61 -14.51 -3.45
CA ALA A 50 -4.46 -13.68 -3.00
C ALA A 50 -3.70 -13.08 -4.17
N VAL A 51 -3.55 -13.78 -5.27
CA VAL A 51 -2.85 -13.23 -6.43
C VAL A 51 -3.71 -12.13 -7.04
N HIS A 52 -5.03 -12.33 -7.17
CA HIS A 52 -5.91 -11.32 -7.75
C HIS A 52 -5.81 -10.03 -6.95
N GLU A 53 -5.87 -10.16 -5.63
CA GLU A 53 -5.77 -8.94 -4.81
C GLU A 53 -4.40 -8.27 -4.86
N LEU A 54 -3.35 -9.08 -4.88
CA LEU A 54 -1.99 -8.47 -4.90
C LEU A 54 -1.80 -7.66 -6.14
N LEU A 55 -2.27 -8.16 -7.28
CA LEU A 55 -2.13 -7.44 -8.55
C LEU A 55 -2.84 -6.09 -8.48
N ASP A 56 -3.92 -5.92 -7.70
CA ASP A 56 -4.49 -4.56 -7.61
C ASP A 56 -3.57 -3.61 -6.84
N THR A 57 -2.86 -4.13 -5.82
CA THR A 57 -1.91 -3.26 -5.11
C THR A 57 -0.81 -2.85 -6.08
N PHE A 58 -0.33 -3.75 -6.96
CA PHE A 58 0.71 -3.38 -7.90
C PHE A 58 0.18 -2.36 -8.88
N ARG A 59 -1.09 -2.45 -9.31
CA ARG A 59 -1.65 -1.50 -10.24
C ARG A 59 -1.66 -0.09 -9.64
N THR A 60 -2.05 0.00 -8.37
CA THR A 60 -2.06 1.33 -7.69
C THR A 60 -0.63 1.87 -7.68
N GLN A 61 0.38 1.05 -7.38
CA GLN A 61 1.73 1.61 -7.37
C GLN A 61 2.23 2.05 -8.72
N LEU A 62 1.89 1.29 -9.80
CA LEU A 62 2.28 1.66 -11.15
C LEU A 62 1.56 2.94 -11.54
N ASP A 63 0.30 3.11 -11.10
CA ASP A 63 -0.36 4.38 -11.40
C ASP A 63 0.39 5.53 -10.75
N ASN A 64 0.83 5.37 -9.52
CA ASN A 64 1.47 6.48 -8.82
C ASN A 64 2.86 6.76 -9.40
N HIS A 65 3.63 5.72 -9.72
CA HIS A 65 4.93 6.01 -10.35
C HIS A 65 4.77 6.59 -11.75
N GLY A 66 3.83 6.07 -12.53
CA GLY A 66 3.64 6.61 -13.87
C GLY A 66 3.21 8.08 -13.79
N ASP A 67 2.33 8.42 -12.83
CA ASP A 67 1.95 9.84 -12.70
C ASP A 67 3.16 10.66 -12.34
N THR A 68 4.03 10.18 -11.41
CA THR A 68 5.18 10.97 -10.99
C THR A 68 6.12 11.20 -12.19
N ILE A 69 6.35 10.14 -12.99
CA ILE A 69 7.23 10.27 -14.17
C ILE A 69 6.62 11.25 -15.15
N ALA A 70 5.33 11.18 -15.47
CA ALA A 70 4.75 12.11 -16.40
C ALA A 70 4.84 13.55 -15.92
N GLU A 71 4.52 13.74 -14.62
CA GLU A 71 4.60 15.12 -14.09
C GLU A 71 6.03 15.65 -14.20
N ARG A 72 7.03 14.81 -14.04
CA ARG A 72 8.42 15.33 -14.18
C ARG A 72 8.68 15.77 -15.59
N VAL A 73 8.17 15.05 -16.61
CA VAL A 73 8.38 15.55 -17.97
C VAL A 73 7.88 16.97 -18.05
N VAL A 74 6.67 17.25 -17.57
CA VAL A 74 6.10 18.59 -17.74
C VAL A 74 6.81 19.64 -16.91
N GLN A 75 7.27 19.25 -15.72
CA GLN A 75 8.05 20.16 -14.90
C GLN A 75 9.27 20.65 -15.68
N LEU A 76 9.86 19.81 -16.49
CA LEU A 76 11.07 20.17 -17.28
C LEU A 76 10.67 20.87 -18.55
N GLY A 77 9.43 21.21 -18.82
CA GLY A 77 9.07 21.97 -20.03
C GLY A 77 8.64 21.05 -21.15
N GLY A 78 8.59 19.74 -20.97
CA GLY A 78 8.18 18.81 -22.03
C GLY A 78 6.67 18.57 -22.03
N THR A 79 6.33 17.63 -22.89
CA THR A 79 4.95 17.13 -23.06
C THR A 79 4.93 15.68 -22.63
N ALA A 80 4.09 15.32 -21.61
CA ALA A 80 3.98 13.93 -21.21
C ALA A 80 3.18 13.17 -22.30
N LEU A 81 3.73 12.03 -22.65
CA LEU A 81 3.14 11.21 -23.71
C LEU A 81 2.66 9.86 -23.20
N GLY A 82 1.36 9.87 -22.84
CA GLY A 82 0.76 8.67 -22.22
C GLY A 82 -0.55 8.28 -22.86
N SER A 83 -0.89 8.76 -24.05
CA SER A 83 -2.10 8.34 -24.73
C SER A 83 -1.92 6.92 -25.27
N LEU A 84 -3.06 6.32 -25.63
CA LEU A 84 -3.01 4.96 -26.21
C LEU A 84 -2.03 4.85 -27.39
N GLN A 85 -2.05 5.87 -28.22
CA GLN A 85 -1.12 5.78 -29.39
C GLN A 85 0.33 5.97 -28.99
N ALA A 86 0.63 6.85 -28.03
CA ALA A 86 2.04 6.99 -27.62
C ALA A 86 2.54 5.73 -26.98
N VAL A 87 1.71 5.10 -26.08
CA VAL A 87 2.05 3.89 -25.43
C VAL A 87 2.28 2.75 -26.47
N SER A 88 1.37 2.64 -27.45
CA SER A 88 1.57 1.61 -28.48
C SER A 88 2.88 1.84 -29.23
N SER A 89 3.21 3.07 -29.59
CA SER A 89 4.45 3.26 -30.39
C SER A 89 5.70 3.16 -29.55
N THR A 90 5.65 3.27 -28.22
CA THR A 90 6.84 3.40 -27.39
C THR A 90 7.13 2.33 -26.40
N THR A 91 6.10 1.53 -26.09
CA THR A 91 6.31 0.44 -25.14
C THR A 91 7.38 -0.54 -25.56
N LYS A 92 8.11 -1.10 -24.60
CA LYS A 92 9.10 -2.14 -24.88
C LYS A 92 8.55 -3.52 -24.56
N LEU A 93 7.29 -3.63 -24.10
CA LEU A 93 6.78 -4.92 -23.72
C LEU A 93 6.10 -5.65 -24.87
N LYS A 94 6.32 -6.96 -24.87
CA LYS A 94 5.60 -7.75 -25.89
C LYS A 94 4.13 -7.85 -25.47
N ALA A 95 3.26 -7.92 -26.48
CA ALA A 95 1.83 -8.08 -26.22
C ALA A 95 1.55 -9.22 -25.26
N TYR A 96 0.64 -8.89 -24.28
CA TYR A 96 0.30 -9.87 -23.28
C TYR A 96 -0.68 -10.88 -23.86
N PRO A 97 -0.47 -12.16 -23.57
CA PRO A 97 -1.37 -13.19 -24.14
C PRO A 97 -2.78 -13.14 -23.58
N THR A 98 -3.77 -13.16 -24.44
CA THR A 98 -5.17 -13.09 -23.92
C THR A 98 -5.77 -14.46 -23.77
N ASP A 99 -5.04 -15.51 -24.06
CA ASP A 99 -5.56 -16.85 -24.01
C ASP A 99 -4.90 -17.71 -22.96
N ILE A 100 -4.37 -17.09 -21.90
CA ILE A 100 -3.82 -17.85 -20.77
C ILE A 100 -4.72 -17.63 -19.52
N TYR A 101 -4.85 -18.64 -18.71
CA TYR A 101 -5.74 -18.64 -17.55
C TYR A 101 -5.09 -19.20 -16.33
N LYS A 102 -4.35 -20.31 -16.41
CA LYS A 102 -3.66 -20.84 -15.26
C LYS A 102 -2.84 -19.74 -14.57
N ILE A 103 -2.87 -19.78 -13.24
CA ILE A 103 -2.10 -18.70 -12.53
C ILE A 103 -0.60 -18.79 -12.81
N HIS A 104 -0.08 -20.03 -12.87
CA HIS A 104 1.37 -20.09 -13.16
C HIS A 104 1.66 -19.43 -14.51
N ASP A 105 0.82 -19.57 -15.54
CA ASP A 105 1.08 -18.97 -16.84
C ASP A 105 1.04 -17.45 -16.78
N HIS A 106 0.11 -16.92 -15.95
CA HIS A 106 0.11 -15.45 -15.78
C HIS A 106 1.30 -15.03 -14.98
N LEU A 107 1.66 -15.76 -13.91
CA LEU A 107 2.86 -15.37 -13.16
C LEU A 107 4.09 -15.34 -14.07
N ASP A 108 4.25 -16.35 -14.96
CA ASP A 108 5.48 -16.25 -15.80
C ASP A 108 5.41 -15.08 -16.75
N ALA A 109 4.25 -14.75 -17.32
CA ALA A 109 4.09 -13.64 -18.24
C ALA A 109 4.32 -12.27 -17.52
N LEU A 110 3.79 -12.24 -16.29
CA LEU A 110 4.00 -11.02 -15.49
C LEU A 110 5.47 -10.87 -15.09
N ILE A 111 6.10 -11.97 -14.70
CA ILE A 111 7.53 -11.89 -14.28
C ILE A 111 8.38 -11.37 -15.43
N GLU A 112 8.08 -11.82 -16.69
CA GLU A 112 8.89 -11.30 -17.78
C GLU A 112 8.76 -9.79 -17.94
N ARG A 113 7.53 -9.30 -17.82
CA ARG A 113 7.28 -7.86 -18.09
C ARG A 113 7.73 -7.04 -16.91
N TYR A 114 7.39 -7.47 -15.71
CA TYR A 114 7.87 -6.76 -14.54
C TYR A 114 9.39 -6.71 -14.49
N GLY A 115 10.08 -7.82 -14.87
CA GLY A 115 11.53 -7.81 -14.93
C GLY A 115 12.06 -6.77 -15.93
N GLU A 116 11.41 -6.75 -17.10
CA GLU A 116 11.87 -5.75 -18.10
C GLU A 116 11.69 -4.33 -17.62
N VAL A 117 10.55 -4.02 -17.00
CA VAL A 117 10.34 -2.65 -16.53
C VAL A 117 11.20 -2.35 -15.30
N ALA A 118 11.40 -3.28 -14.39
CA ALA A 118 12.30 -3.05 -13.25
C ALA A 118 13.69 -2.70 -13.81
N ASN A 119 14.13 -3.49 -14.81
CA ASN A 119 15.50 -3.26 -15.28
C ASN A 119 15.62 -2.03 -16.13
N MET A 120 14.53 -1.62 -16.80
CA MET A 120 14.55 -0.35 -17.51
C MET A 120 14.67 0.81 -16.51
N ILE A 121 13.90 0.73 -15.42
CA ILE A 121 13.92 1.84 -14.45
C ILE A 121 15.22 1.83 -13.70
N ARG A 122 15.88 0.69 -13.45
CA ARG A 122 17.19 0.65 -12.84
C ARG A 122 18.20 1.45 -13.68
N LYS A 123 18.17 1.22 -15.03
CA LYS A 123 19.07 1.96 -15.92
C LYS A 123 18.70 3.44 -15.96
N ALA A 124 17.40 3.78 -15.89
CA ALA A 124 16.97 5.17 -15.90
C ALA A 124 17.54 5.93 -14.73
N ILE A 125 17.68 5.27 -13.55
CA ILE A 125 18.29 6.03 -12.44
C ILE A 125 19.72 6.47 -12.86
N ASP A 126 20.44 5.51 -13.39
CA ASP A 126 21.86 5.92 -13.71
C ASP A 126 21.89 6.88 -14.88
N ASP A 127 21.06 6.72 -15.89
CA ASP A 127 21.12 7.70 -17.01
C ASP A 127 20.73 9.09 -16.54
N SER A 128 19.72 9.17 -15.64
CA SER A 128 19.32 10.48 -15.14
C SER A 128 20.40 11.11 -14.27
N ASP A 129 21.04 10.32 -13.43
CA ASP A 129 22.15 10.85 -12.63
C ASP A 129 23.28 11.31 -13.56
N GLU A 130 23.56 10.53 -14.60
CA GLU A 130 24.66 10.94 -15.52
C GLU A 130 24.33 12.25 -16.20
N ALA A 131 23.05 12.55 -16.44
CA ALA A 131 22.64 13.82 -17.04
C ALA A 131 22.69 14.95 -16.02
N GLY A 132 22.98 14.75 -14.75
CA GLY A 132 23.06 15.83 -13.80
C GLY A 132 21.71 16.19 -13.18
N ASP A 133 20.81 15.19 -13.15
CA ASP A 133 19.45 15.46 -12.60
C ASP A 133 19.15 14.50 -11.47
N PRO A 134 19.67 14.67 -10.29
CA PRO A 134 19.40 13.78 -9.17
C PRO A 134 17.93 13.84 -8.77
N THR A 135 17.18 14.90 -8.99
CA THR A 135 15.77 14.93 -8.64
C THR A 135 15.00 13.91 -9.45
N THR A 136 15.25 13.86 -10.76
CA THR A 136 14.61 12.87 -11.60
C THR A 136 15.15 11.50 -11.25
N ALA A 137 16.45 11.35 -10.95
CA ALA A 137 16.97 10.04 -10.58
C ALA A 137 16.25 9.54 -9.30
N ASP A 138 15.90 10.43 -8.38
CA ASP A 138 15.20 9.97 -7.17
C ASP A 138 13.81 9.47 -7.51
N ILE A 139 13.14 10.07 -8.47
CA ILE A 139 11.81 9.60 -8.90
C ILE A 139 11.97 8.17 -9.41
N PHE A 140 13.03 7.92 -10.22
CA PHE A 140 13.19 6.56 -10.75
C PHE A 140 13.65 5.62 -9.64
N THR A 141 14.41 6.09 -8.61
CA THR A 141 14.82 5.24 -7.53
C THR A 141 13.64 4.78 -6.69
N ALA A 142 12.73 5.71 -6.44
CA ALA A 142 11.51 5.28 -5.67
C ALA A 142 10.75 4.25 -6.48
N ALA A 143 10.64 4.45 -7.79
CA ALA A 143 9.94 3.48 -8.63
C ALA A 143 10.63 2.14 -8.59
N SER A 144 11.99 2.14 -8.67
CA SER A 144 12.78 0.93 -8.66
C SER A 144 12.56 0.14 -7.38
N ARG A 145 12.51 0.83 -6.23
CA ARG A 145 12.29 0.08 -5.01
C ARG A 145 10.98 -0.69 -5.05
N ASP A 146 9.90 -0.06 -5.57
CA ASP A 146 8.61 -0.82 -5.63
C ASP A 146 8.67 -1.84 -6.76
N LEU A 147 9.29 -1.55 -7.92
CA LEU A 147 9.32 -2.59 -8.99
C LEU A 147 10.11 -3.77 -8.52
N ASP A 148 11.27 -3.57 -7.89
CA ASP A 148 12.07 -4.73 -7.47
C ASP A 148 11.36 -5.54 -6.42
N LYS A 149 10.63 -4.88 -5.52
CA LYS A 149 9.87 -5.68 -4.52
C LYS A 149 8.71 -6.40 -5.21
N SER A 150 8.03 -5.73 -6.12
CA SER A 150 6.92 -6.43 -6.81
C SER A 150 7.41 -7.62 -7.62
N LEU A 151 8.59 -7.46 -8.25
CA LEU A 151 9.17 -8.57 -9.01
C LEU A 151 9.49 -9.72 -8.09
N TRP A 152 10.08 -9.44 -6.93
CA TRP A 152 10.37 -10.51 -5.96
C TRP A 152 9.04 -11.13 -5.51
N PHE A 153 8.03 -10.36 -5.21
CA PHE A 153 6.75 -11.02 -4.81
C PHE A 153 6.24 -11.96 -5.89
N LEU A 154 6.32 -11.59 -7.16
CA LEU A 154 5.91 -12.50 -8.23
C LEU A 154 6.79 -13.75 -8.30
N GLU A 155 8.10 -13.51 -8.30
CA GLU A 155 9.03 -14.64 -8.47
C GLU A 155 8.99 -15.56 -7.26
N ALA A 156 8.71 -15.06 -6.07
CA ALA A 156 8.65 -15.91 -4.90
C ALA A 156 7.48 -16.91 -4.93
N HIS A 157 6.54 -16.72 -5.83
CA HIS A 157 5.45 -17.68 -5.99
C HIS A 157 5.90 -18.84 -6.87
N VAL A 158 6.98 -18.71 -7.62
CA VAL A 158 7.34 -19.79 -8.56
C VAL A 158 8.74 -20.32 -8.24
N GLN A 159 9.50 -19.67 -7.34
CA GLN A 159 10.86 -20.14 -7.06
C GLN A 159 10.87 -21.47 -6.31
N GLU A 160 9.81 -21.77 -5.59
CA GLU A 160 9.65 -23.11 -5.00
C GLU A 160 8.22 -23.53 -5.36
N LYS A 161 7.96 -24.85 -5.38
CA LYS A 161 6.68 -25.40 -5.79
C LYS A 161 5.87 -25.95 -4.63
N SER A 162 6.31 -25.70 -3.39
CA SER A 162 5.61 -26.13 -2.18
C SER A 162 6.02 -25.23 -0.98
N MET B 1 -8.58 -18.33 -27.11
CA MET B 1 -9.24 -18.06 -25.80
C MET B 1 -10.20 -19.21 -25.54
N LYS B 2 -10.85 -19.23 -24.38
CA LYS B 2 -11.81 -20.31 -24.13
C LYS B 2 -12.88 -19.86 -23.15
N THR B 3 -14.07 -20.43 -23.31
CA THR B 3 -15.14 -20.06 -22.35
C THR B 3 -15.03 -21.00 -21.15
N HIS B 4 -15.39 -20.46 -19.99
CA HIS B 4 -15.29 -21.17 -18.73
C HIS B 4 -16.68 -21.50 -18.21
N LYS B 5 -16.82 -22.70 -17.66
CA LYS B 5 -18.09 -23.13 -17.11
C LYS B 5 -18.42 -22.40 -15.80
N THR B 6 -19.72 -22.11 -15.69
CA THR B 6 -20.23 -21.46 -14.48
C THR B 6 -21.64 -21.95 -14.15
N LYS B 7 -21.97 -22.02 -12.84
CA LYS B 7 -23.35 -22.28 -12.44
C LYS B 7 -24.26 -21.08 -12.77
N ASN B 8 -23.79 -19.87 -13.06
CA ASN B 8 -24.66 -18.73 -13.37
C ASN B 8 -25.59 -19.14 -14.55
N ASP B 9 -26.89 -19.01 -14.34
CA ASP B 9 -27.82 -19.51 -15.38
C ASP B 9 -28.34 -18.48 -16.30
N LEU B 10 -27.70 -17.32 -16.49
CA LEU B 10 -28.18 -16.47 -17.59
C LEU B 10 -28.07 -17.28 -18.86
N PRO B 11 -29.08 -17.26 -19.75
CA PRO B 11 -28.98 -18.09 -20.93
C PRO B 11 -27.74 -17.88 -21.75
N SER B 12 -27.18 -18.92 -22.36
CA SER B 12 -25.95 -18.91 -23.12
C SER B 12 -25.96 -17.86 -24.22
N ASN B 13 -27.07 -17.66 -24.95
CA ASN B 13 -27.04 -16.63 -26.00
C ASN B 13 -26.94 -15.21 -25.41
N ALA B 14 -27.55 -15.00 -24.25
CA ALA B 14 -27.49 -13.71 -23.57
C ALA B 14 -26.04 -13.52 -23.09
N LYS B 15 -25.42 -14.58 -22.56
CA LYS B 15 -24.03 -14.41 -22.09
C LYS B 15 -23.12 -13.96 -23.22
N SER B 16 -23.30 -14.60 -24.39
CA SER B 16 -22.43 -14.23 -25.54
C SER B 16 -22.66 -12.81 -25.99
N THR B 17 -23.93 -12.41 -26.09
CA THR B 17 -24.26 -11.05 -26.50
C THR B 17 -23.68 -10.02 -25.51
N VAL B 18 -23.89 -10.30 -24.21
CA VAL B 18 -23.47 -9.26 -23.24
C VAL B 18 -21.97 -9.24 -23.07
N ILE B 19 -21.29 -10.37 -23.20
CA ILE B 19 -19.82 -10.32 -23.19
C ILE B 19 -19.34 -9.42 -24.28
N GLY B 20 -19.90 -9.46 -25.52
CA GLY B 20 -19.46 -8.55 -26.57
C GLY B 20 -19.68 -7.08 -26.21
N ILE B 21 -20.83 -6.76 -25.64
CA ILE B 21 -21.17 -5.41 -25.24
C ILE B 21 -20.15 -4.91 -24.17
N LEU B 22 -19.90 -5.80 -23.21
CA LEU B 22 -18.99 -5.43 -22.12
C LEU B 22 -17.59 -5.21 -22.64
N ASN B 23 -17.03 -6.16 -23.43
CA ASN B 23 -15.64 -5.96 -23.88
C ASN B 23 -15.52 -4.76 -24.80
N GLU B 24 -16.56 -4.52 -25.64
CA GLU B 24 -16.53 -3.32 -26.48
C GLU B 24 -16.45 -2.04 -25.63
N SER B 25 -17.35 -1.97 -24.62
CA SER B 25 -17.31 -0.76 -23.78
C SER B 25 -16.01 -0.66 -22.96
N LEU B 26 -15.48 -1.80 -22.51
CA LEU B 26 -14.24 -1.77 -21.74
C LEU B 26 -13.12 -1.11 -22.51
N ALA B 27 -12.97 -1.41 -23.80
CA ALA B 27 -11.89 -0.80 -24.57
C ALA B 27 -11.98 0.70 -24.64
N SER B 28 -13.21 1.23 -24.90
CA SER B 28 -13.34 2.70 -24.96
C SER B 28 -13.21 3.36 -23.58
N VAL B 29 -13.60 2.66 -22.51
CA VAL B 29 -13.45 3.24 -21.15
C VAL B 29 -11.99 3.27 -20.82
N ILE B 30 -11.19 2.26 -21.10
CA ILE B 30 -9.76 2.27 -20.78
C ILE B 30 -9.09 3.36 -21.60
N ASP B 31 -9.38 3.51 -22.90
CA ASP B 31 -8.80 4.60 -23.70
C ASP B 31 -9.23 5.93 -23.07
N LEU B 32 -10.48 6.12 -22.66
CA LEU B 32 -10.84 7.40 -22.01
C LEU B 32 -10.06 7.62 -20.73
N ALA B 33 -9.79 6.55 -19.98
CA ALA B 33 -8.96 6.73 -18.77
C ALA B 33 -7.58 7.25 -19.14
N LEU B 34 -6.97 6.70 -20.23
CA LEU B 34 -5.65 7.19 -20.66
C LEU B 34 -5.73 8.63 -21.14
N VAL B 35 -6.76 8.98 -21.92
CA VAL B 35 -6.98 10.35 -22.37
C VAL B 35 -7.07 11.35 -21.22
N THR B 36 -7.81 10.92 -20.18
CA THR B 36 -8.05 11.84 -19.05
C THR B 36 -6.75 12.20 -18.35
N LYS B 37 -5.84 11.24 -18.19
CA LYS B 37 -4.54 11.60 -17.62
C LYS B 37 -3.68 12.38 -18.61
N GLN B 38 -3.71 12.01 -19.90
CA GLN B 38 -2.96 12.80 -20.92
C GLN B 38 -3.31 14.28 -20.86
N ALA B 39 -4.63 14.58 -20.79
CA ALA B 39 -5.02 15.98 -20.67
C ALA B 39 -4.55 16.56 -19.37
N HIS B 40 -4.77 15.85 -18.28
CA HIS B 40 -4.40 16.33 -16.95
C HIS B 40 -2.95 16.77 -16.80
N TRP B 41 -2.01 15.98 -17.38
CA TRP B 41 -0.65 16.42 -17.19
C TRP B 41 -0.31 17.64 -18.03
N ASN B 42 -0.95 17.81 -19.18
CA ASN B 42 -0.47 18.82 -20.15
C ASN B 42 -1.29 20.07 -20.25
N LEU B 43 -2.30 20.22 -19.39
CA LEU B 43 -3.12 21.43 -19.31
C LEU B 43 -2.35 22.68 -18.97
N LYS B 44 -2.60 23.81 -19.63
CA LYS B 44 -1.95 25.07 -19.31
C LYS B 44 -3.01 26.16 -19.37
N GLY B 45 -3.02 27.08 -18.42
CA GLY B 45 -3.97 28.20 -18.43
C GLY B 45 -4.49 28.54 -17.06
N PRO B 46 -5.30 29.59 -16.94
CA PRO B 46 -5.70 30.12 -15.66
C PRO B 46 -6.49 29.19 -14.76
N GLN B 47 -7.22 28.22 -15.36
CA GLN B 47 -7.94 27.32 -14.44
C GLN B 47 -7.18 26.00 -14.29
N PHE B 48 -5.85 26.05 -14.37
CA PHE B 48 -5.08 24.85 -14.23
C PHE B 48 -5.45 23.98 -13.04
N ILE B 49 -5.34 24.49 -11.82
CA ILE B 49 -5.39 23.52 -10.70
C ILE B 49 -6.73 22.86 -10.55
N ALA B 50 -7.81 23.59 -10.69
CA ALA B 50 -9.14 22.96 -10.55
C ALA B 50 -9.40 21.93 -11.63
N VAL B 51 -9.08 22.24 -12.88
CA VAL B 51 -9.34 21.24 -13.93
C VAL B 51 -8.39 20.08 -13.74
N HIS B 52 -7.08 20.31 -13.47
CA HIS B 52 -6.14 19.21 -13.26
C HIS B 52 -6.65 18.24 -12.20
N GLU B 53 -7.09 18.80 -11.06
CA GLU B 53 -7.55 17.90 -9.94
C GLU B 53 -8.85 17.19 -10.28
N LEU B 54 -9.78 17.84 -10.98
CA LEU B 54 -11.07 17.23 -11.35
C LEU B 54 -10.82 16.03 -12.23
N LEU B 55 -9.87 16.15 -13.17
CA LEU B 55 -9.61 15.00 -14.09
C LEU B 55 -9.08 13.81 -13.32
N ASP B 56 -8.40 14.00 -12.19
CA ASP B 56 -8.00 12.82 -11.40
C ASP B 56 -9.19 12.11 -10.80
N THR B 57 -10.24 12.88 -10.39
CA THR B 57 -11.44 12.23 -9.88
C THR B 57 -12.06 11.40 -10.99
N PHE B 58 -12.17 11.97 -12.19
CA PHE B 58 -12.75 11.23 -13.31
C PHE B 58 -11.94 9.99 -13.61
N ARG B 59 -10.62 10.00 -13.55
CA ARG B 59 -9.83 8.79 -13.84
C ARG B 59 -10.18 7.74 -12.80
N THR B 60 -10.30 8.06 -11.49
CA THR B 60 -10.63 7.02 -10.51
C THR B 60 -12.00 6.44 -10.90
N GLN B 61 -13.00 7.27 -11.23
CA GLN B 61 -14.31 6.68 -11.62
C GLN B 61 -14.25 5.78 -12.84
N LEU B 62 -13.46 6.18 -13.87
CA LEU B 62 -13.34 5.30 -15.02
C LEU B 62 -12.62 4.01 -14.66
N ASP B 63 -11.64 4.04 -13.75
CA ASP B 63 -10.96 2.83 -13.32
C ASP B 63 -12.00 1.93 -12.64
N ASN B 64 -12.84 2.50 -11.77
CA ASN B 64 -13.78 1.59 -11.08
C ASN B 64 -14.86 1.06 -12.04
N HIS B 65 -15.37 1.88 -12.96
CA HIS B 65 -16.36 1.28 -13.89
C HIS B 65 -15.69 0.34 -14.85
N GLY B 66 -14.50 0.63 -15.33
CA GLY B 66 -13.86 -0.35 -16.24
C GLY B 66 -13.64 -1.65 -15.49
N ASP B 67 -13.17 -1.62 -14.23
CA ASP B 67 -12.99 -2.90 -13.51
C ASP B 67 -14.30 -3.64 -13.36
N THR B 68 -15.42 -2.95 -13.06
CA THR B 68 -16.72 -3.63 -12.86
C THR B 68 -17.18 -4.28 -14.18
N ILE B 69 -16.95 -3.60 -15.31
CA ILE B 69 -17.33 -4.13 -16.63
C ILE B 69 -16.49 -5.38 -16.93
N ALA B 70 -15.18 -5.28 -16.69
CA ALA B 70 -14.32 -6.44 -16.96
C ALA B 70 -14.69 -7.60 -16.10
N GLU B 71 -14.88 -7.36 -14.79
CA GLU B 71 -15.22 -8.46 -13.90
C GLU B 71 -16.55 -9.07 -14.37
N ARG B 72 -17.49 -8.31 -14.93
CA ARG B 72 -18.72 -9.00 -15.38
C ARG B 72 -18.46 -9.93 -16.55
N VAL B 73 -17.56 -9.56 -17.45
CA VAL B 73 -17.24 -10.46 -18.56
C VAL B 73 -16.86 -11.79 -17.96
N VAL B 74 -15.96 -11.86 -17.01
CA VAL B 74 -15.44 -13.10 -16.44
C VAL B 74 -16.49 -13.83 -15.62
N GLN B 75 -17.36 -13.12 -14.91
CA GLN B 75 -18.46 -13.81 -14.21
C GLN B 75 -19.33 -14.61 -15.20
N LEU B 76 -19.48 -14.13 -16.40
CA LEU B 76 -20.32 -14.80 -17.41
C LEU B 76 -19.52 -15.83 -18.20
N GLY B 77 -18.34 -16.15 -17.79
CA GLY B 77 -17.55 -17.23 -18.44
C GLY B 77 -16.65 -16.73 -19.56
N GLY B 78 -16.57 -15.46 -19.81
CA GLY B 78 -15.72 -14.92 -20.85
C GLY B 78 -14.29 -14.54 -20.40
N THR B 79 -13.65 -13.86 -21.32
CA THR B 79 -12.26 -13.42 -21.09
C THR B 79 -12.31 -11.92 -21.19
N ALA B 80 -11.89 -11.21 -20.08
CA ALA B 80 -11.89 -9.75 -20.22
C ALA B 80 -10.73 -9.25 -21.09
N LEU B 81 -10.99 -8.31 -21.99
CA LEU B 81 -9.94 -7.92 -22.96
C LEU B 81 -9.63 -6.46 -22.74
N GLY B 82 -8.58 -6.23 -21.91
CA GLY B 82 -8.20 -4.86 -21.53
C GLY B 82 -6.72 -4.57 -21.74
N SER B 83 -6.01 -5.42 -22.47
CA SER B 83 -4.59 -5.13 -22.74
C SER B 83 -4.46 -4.00 -23.72
N LEU B 84 -3.19 -3.47 -23.79
CA LEU B 84 -2.99 -2.42 -24.81
C LEU B 84 -3.42 -2.80 -26.23
N GLN B 85 -3.15 -4.06 -26.62
CA GLN B 85 -3.57 -4.38 -27.99
C GLN B 85 -5.07 -4.50 -28.16
N ALA B 86 -5.73 -4.99 -27.10
CA ALA B 86 -7.20 -5.13 -27.20
C ALA B 86 -7.82 -3.76 -27.25
N VAL B 87 -7.30 -2.81 -26.40
CA VAL B 87 -7.84 -1.45 -26.41
C VAL B 87 -7.62 -0.83 -27.79
N SER B 88 -6.38 -0.95 -28.31
CA SER B 88 -6.12 -0.40 -29.64
C SER B 88 -7.06 -0.94 -30.72
N SER B 89 -7.29 -2.24 -30.70
CA SER B 89 -8.18 -2.79 -31.74
C SER B 89 -9.64 -2.47 -31.57
N THR B 90 -10.09 -2.20 -30.31
CA THR B 90 -11.54 -2.09 -30.12
C THR B 90 -12.07 -0.71 -29.79
N THR B 91 -11.17 0.21 -29.34
CA THR B 91 -11.62 1.56 -28.94
C THR B 91 -12.39 2.28 -30.06
N LYS B 92 -13.41 3.04 -29.73
CA LYS B 92 -14.13 3.83 -30.73
C LYS B 92 -13.61 5.25 -30.72
N LEU B 93 -12.63 5.61 -29.88
CA LEU B 93 -12.23 7.00 -29.80
C LEU B 93 -11.07 7.35 -30.77
N LYS B 94 -11.22 8.60 -31.25
CA LYS B 94 -10.11 9.05 -32.12
C LYS B 94 -8.87 9.38 -31.29
N ALA B 95 -7.68 9.18 -31.88
CA ALA B 95 -6.46 9.49 -31.18
C ALA B 95 -6.47 10.90 -30.60
N TYR B 96 -6.04 10.99 -29.30
CA TYR B 96 -6.01 12.28 -28.61
C TYR B 96 -4.82 13.13 -29.07
N PRO B 97 -5.03 14.41 -29.35
CA PRO B 97 -3.92 15.23 -29.86
C PRO B 97 -2.86 15.39 -28.76
N THR B 98 -1.58 15.19 -29.12
CA THR B 98 -0.54 15.43 -28.10
C THR B 98 0.07 16.82 -28.19
N ASP B 99 -0.41 17.71 -29.07
CA ASP B 99 0.17 19.03 -29.25
C ASP B 99 -0.77 20.14 -28.84
N ILE B 100 -1.69 19.81 -27.89
CA ILE B 100 -2.59 20.88 -27.41
C ILE B 100 -2.30 21.12 -25.92
N TYR B 101 -2.44 22.36 -25.52
CA TYR B 101 -2.01 22.76 -24.16
C TYR B 101 -3.06 23.63 -23.50
N LYS B 102 -3.63 24.60 -24.23
CA LYS B 102 -4.64 25.47 -23.70
C LYS B 102 -5.78 24.63 -23.09
N ILE B 103 -6.23 25.08 -21.90
CA ILE B 103 -7.29 24.32 -21.25
C ILE B 103 -8.56 24.24 -22.11
N HIS B 104 -8.93 25.27 -22.83
CA HIS B 104 -10.18 25.14 -23.64
C HIS B 104 -10.00 24.08 -24.71
N ASP B 105 -8.77 23.94 -25.28
CA ASP B 105 -8.55 22.90 -26.29
C ASP B 105 -8.65 21.50 -25.69
N HIS B 106 -8.12 21.27 -24.47
CA HIS B 106 -8.31 19.96 -23.83
C HIS B 106 -9.79 19.82 -23.51
N LEU B 107 -10.45 20.82 -23.00
CA LEU B 107 -11.89 20.63 -22.71
C LEU B 107 -12.69 20.21 -23.96
N ASP B 108 -12.40 20.85 -25.11
CA ASP B 108 -13.18 20.40 -26.30
C ASP B 108 -12.85 18.99 -26.67
N ALA B 109 -11.59 18.57 -26.58
CA ALA B 109 -11.20 17.21 -26.92
C ALA B 109 -11.74 16.17 -25.95
N LEU B 110 -11.79 16.53 -24.67
CA LEU B 110 -12.34 15.64 -23.65
C LEU B 110 -13.85 15.55 -23.83
N ILE B 111 -14.49 16.68 -24.09
CA ILE B 111 -15.98 16.66 -24.24
C ILE B 111 -16.36 15.75 -25.41
N GLU B 112 -15.61 15.78 -26.50
CA GLU B 112 -15.98 14.89 -27.63
C GLU B 112 -15.93 13.44 -27.21
N ARG B 113 -14.88 13.05 -26.48
CA ARG B 113 -14.63 11.68 -26.10
C ARG B 113 -15.47 11.19 -24.93
N TYR B 114 -15.66 12.06 -23.96
CA TYR B 114 -16.58 11.71 -22.86
C TYR B 114 -17.99 11.59 -23.42
N GLY B 115 -18.37 12.53 -24.32
CA GLY B 115 -19.73 12.36 -24.92
C GLY B 115 -19.88 11.03 -25.63
N GLU B 116 -18.88 10.64 -26.43
CA GLU B 116 -18.97 9.34 -27.11
C GLU B 116 -19.09 8.20 -26.16
N VAL B 117 -18.27 8.15 -25.09
CA VAL B 117 -18.36 7.01 -24.13
C VAL B 117 -19.67 7.12 -23.34
N ALA B 118 -20.11 8.29 -22.94
CA ALA B 118 -21.41 8.36 -22.25
C ALA B 118 -22.55 7.83 -23.11
N ASN B 119 -22.46 8.14 -24.41
CA ASN B 119 -23.59 7.67 -25.28
C ASN B 119 -23.46 6.19 -25.61
N MET B 120 -22.26 5.68 -25.69
CA MET B 120 -22.08 4.24 -25.82
C MET B 120 -22.63 3.46 -24.65
N ILE B 121 -22.31 4.00 -23.43
CA ILE B 121 -22.80 3.33 -22.22
C ILE B 121 -24.30 3.45 -22.12
N ARG B 122 -24.91 4.57 -22.51
CA ARG B 122 -26.37 4.72 -22.52
C ARG B 122 -26.99 3.61 -23.40
N LYS B 123 -26.43 3.41 -24.59
CA LYS B 123 -26.90 2.33 -25.46
C LYS B 123 -26.68 0.96 -24.89
N ALA B 124 -25.57 0.72 -24.18
CA ALA B 124 -25.27 -0.54 -23.57
C ALA B 124 -26.30 -0.96 -22.50
N ILE B 125 -26.85 0.03 -21.80
CA ILE B 125 -27.88 -0.28 -20.83
C ILE B 125 -29.09 -0.96 -21.55
N ASP B 126 -29.53 -0.27 -22.60
CA ASP B 126 -30.71 -0.86 -23.31
C ASP B 126 -30.40 -2.14 -24.03
N ASP B 127 -29.19 -2.28 -24.59
CA ASP B 127 -28.87 -3.56 -25.26
C ASP B 127 -28.74 -4.69 -24.24
N SER B 128 -28.22 -4.44 -23.04
CA SER B 128 -28.09 -5.45 -22.02
C SER B 128 -29.46 -5.87 -21.48
N ASP B 129 -30.32 -4.88 -21.28
CA ASP B 129 -31.69 -5.20 -20.81
C ASP B 129 -32.42 -6.00 -21.92
N GLU B 130 -32.20 -5.66 -23.16
CA GLU B 130 -32.85 -6.39 -24.26
C GLU B 130 -32.39 -7.82 -24.31
N ALA B 131 -31.16 -8.10 -23.93
CA ALA B 131 -30.61 -9.45 -23.87
C ALA B 131 -31.10 -10.17 -22.62
N GLY B 132 -31.83 -9.59 -21.73
CA GLY B 132 -32.37 -10.28 -20.56
C GLY B 132 -31.39 -10.37 -19.41
N ASP B 133 -30.50 -9.37 -19.32
CA ASP B 133 -29.52 -9.32 -18.23
C ASP B 133 -29.56 -8.00 -17.46
N PRO B 134 -30.53 -7.82 -16.57
CA PRO B 134 -30.67 -6.64 -15.78
C PRO B 134 -29.50 -6.41 -14.82
N THR B 135 -28.79 -7.46 -14.44
CA THR B 135 -27.61 -7.30 -13.57
C THR B 135 -26.54 -6.55 -14.32
N THR B 136 -26.24 -6.94 -15.57
CA THR B 136 -25.29 -6.23 -16.38
C THR B 136 -25.85 -4.85 -16.73
N ALA B 137 -27.16 -4.70 -17.00
CA ALA B 137 -27.67 -3.37 -17.35
C ALA B 137 -27.48 -2.43 -16.15
N ASP B 138 -27.49 -2.89 -14.92
CA ASP B 138 -27.27 -2.07 -13.74
C ASP B 138 -25.85 -1.60 -13.65
N ILE B 139 -24.89 -2.48 -14.03
CA ILE B 139 -23.48 -2.04 -14.08
C ILE B 139 -23.34 -0.84 -15.01
N PHE B 140 -23.96 -0.99 -16.22
CA PHE B 140 -23.87 0.11 -17.16
C PHE B 140 -24.64 1.34 -16.73
N THR B 141 -25.76 1.17 -15.98
CA THR B 141 -26.52 2.31 -15.49
C THR B 141 -25.74 3.08 -14.44
N ALA B 142 -25.04 2.37 -13.57
CA ALA B 142 -24.17 3.05 -12.61
C ALA B 142 -23.09 3.84 -13.33
N ALA B 143 -22.48 3.23 -14.36
CA ALA B 143 -21.44 3.93 -15.15
C ALA B 143 -22.03 5.13 -15.86
N SER B 144 -23.25 4.97 -16.43
CA SER B 144 -23.89 6.08 -17.13
C SER B 144 -24.13 7.28 -16.24
N ARG B 145 -24.54 6.99 -14.99
CA ARG B 145 -24.74 8.15 -14.06
C ARG B 145 -23.43 8.95 -13.91
N ASP B 146 -22.31 8.26 -13.72
CA ASP B 146 -21.06 9.03 -13.52
C ASP B 146 -20.58 9.65 -14.83
N LEU B 147 -20.76 8.93 -15.96
CA LEU B 147 -20.33 9.54 -17.24
C LEU B 147 -21.16 10.74 -17.58
N ASP B 148 -22.47 10.68 -17.36
CA ASP B 148 -23.29 11.86 -17.73
C ASP B 148 -22.98 13.01 -16.82
N LYS B 149 -22.71 12.75 -15.54
CA LYS B 149 -22.32 13.87 -14.63
C LYS B 149 -20.94 14.41 -15.01
N SER B 150 -20.00 13.57 -15.38
CA SER B 150 -18.67 14.09 -15.74
C SER B 150 -18.75 14.87 -17.03
N LEU B 151 -19.58 14.38 -18.00
CA LEU B 151 -19.75 15.16 -19.25
C LEU B 151 -20.34 16.50 -18.93
N TRP B 152 -21.37 16.61 -18.08
CA TRP B 152 -21.91 17.93 -17.70
C TRP B 152 -20.83 18.77 -17.04
N PHE B 153 -20.07 18.22 -16.11
CA PHE B 153 -19.01 19.05 -15.50
C PHE B 153 -18.08 19.60 -16.57
N LEU B 154 -17.63 18.85 -17.56
CA LEU B 154 -16.75 19.41 -18.62
C LEU B 154 -17.52 20.46 -19.40
N GLU B 155 -18.73 20.12 -19.88
CA GLU B 155 -19.47 21.07 -20.73
C GLU B 155 -19.83 22.33 -19.99
N ALA B 156 -20.04 22.27 -18.68
CA ALA B 156 -20.40 23.49 -17.95
C ALA B 156 -19.23 24.48 -17.89
N HIS B 157 -17.99 24.04 -18.13
CA HIS B 157 -16.90 25.03 -18.20
C HIS B 157 -16.93 25.82 -19.53
N VAL B 158 -17.57 25.30 -20.56
CA VAL B 158 -17.54 25.98 -21.88
C VAL B 158 -18.91 26.48 -22.29
N GLN B 159 -20.02 26.15 -21.66
CA GLN B 159 -21.34 26.64 -22.08
C GLN B 159 -21.51 28.12 -21.89
N GLU B 160 -20.75 28.71 -20.97
CA GLU B 160 -20.73 30.16 -20.84
C GLU B 160 -19.25 30.50 -20.76
N LYS B 161 -18.90 31.77 -21.13
CA LYS B 161 -17.52 32.19 -21.13
C LYS B 161 -17.19 33.10 -19.97
N SER B 162 -18.13 33.32 -19.05
CA SER B 162 -17.88 34.18 -17.89
C SER B 162 -18.82 33.76 -16.75
N HIS C 4 28.89 20.62 22.72
CA HIS C 4 27.90 19.51 22.64
C HIS C 4 28.44 18.40 21.73
N LYS C 5 28.78 17.27 22.35
CA LYS C 5 29.36 16.23 21.48
C LYS C 5 28.25 15.54 20.69
N THR C 6 28.61 14.80 19.65
CA THR C 6 27.71 13.89 18.94
C THR C 6 28.53 12.68 18.57
N LYS C 7 27.96 11.48 18.60
CA LYS C 7 28.56 10.25 18.05
C LYS C 7 28.49 10.26 16.52
N ASN C 8 27.65 11.08 15.89
CA ASN C 8 27.55 11.12 14.43
C ASN C 8 28.94 11.35 13.80
N ASP C 9 29.42 10.43 13.01
CA ASP C 9 30.81 10.50 12.50
C ASP C 9 30.98 11.14 11.15
N LEU C 10 30.00 11.84 10.62
CA LEU C 10 30.29 12.60 9.38
C LEU C 10 31.52 13.47 9.67
N PRO C 11 32.45 13.55 8.71
CA PRO C 11 33.64 14.35 8.96
C PRO C 11 33.32 15.78 9.36
N SER C 12 34.15 16.34 10.23
CA SER C 12 34.07 17.66 10.78
C SER C 12 33.98 18.74 9.71
N ASN C 13 34.78 18.64 8.65
CA ASN C 13 34.65 19.70 7.64
C ASN C 13 33.42 19.51 6.77
N ALA C 14 32.88 18.31 6.61
CA ALA C 14 31.64 18.08 5.88
C ALA C 14 30.49 18.65 6.74
N LYS C 15 30.54 18.44 8.07
CA LYS C 15 29.50 18.99 8.95
C LYS C 15 29.44 20.51 8.76
N SER C 16 30.62 21.16 8.81
CA SER C 16 30.67 22.61 8.72
C SER C 16 30.09 23.10 7.42
N THR C 17 30.58 22.53 6.32
CA THR C 17 30.12 22.90 4.99
C THR C 17 28.60 22.76 4.86
N VAL C 18 28.12 21.58 5.30
CA VAL C 18 26.68 21.30 5.11
C VAL C 18 25.76 22.07 6.02
N ILE C 19 26.21 22.45 7.19
CA ILE C 19 25.44 23.33 8.08
C ILE C 19 25.27 24.67 7.37
N GLY C 20 26.30 25.25 6.75
CA GLY C 20 26.07 26.52 6.06
C GLY C 20 25.05 26.41 4.91
N ILE C 21 25.16 25.33 4.15
CA ILE C 21 24.22 25.12 3.03
C ILE C 21 22.81 25.05 3.59
N LEU C 22 22.66 24.25 4.65
CA LEU C 22 21.34 24.10 5.30
C LEU C 22 20.77 25.37 5.81
N ASN C 23 21.56 26.12 6.61
CA ASN C 23 21.01 27.34 7.16
C ASN C 23 20.75 28.39 6.08
N GLU C 24 21.55 28.38 5.02
CA GLU C 24 21.24 29.34 3.92
C GLU C 24 19.90 29.04 3.30
N SER C 25 19.70 27.73 3.01
CA SER C 25 18.41 27.35 2.39
C SER C 25 17.24 27.57 3.37
N LEU C 26 17.47 27.28 4.65
CA LEU C 26 16.41 27.49 5.64
C LEU C 26 15.86 28.89 5.57
N ALA C 27 16.77 29.91 5.53
CA ALA C 27 16.26 31.27 5.52
C ALA C 27 15.37 31.57 4.30
N SER C 28 15.82 31.18 3.10
CA SER C 28 14.95 31.44 1.95
C SER C 28 13.66 30.58 1.96
N VAL C 29 13.70 29.38 2.54
CA VAL C 29 12.47 28.59 2.62
C VAL C 29 11.50 29.26 3.61
N ILE C 30 11.96 29.74 4.76
CA ILE C 30 11.03 30.39 5.67
C ILE C 30 10.44 31.65 5.07
N ASP C 31 11.30 32.44 4.36
CA ASP C 31 10.80 33.64 3.67
C ASP C 31 9.72 33.22 2.66
N LEU C 32 10.03 32.18 1.87
CA LEU C 32 9.03 31.73 0.88
C LEU C 32 7.74 31.25 1.55
N ALA C 33 7.86 30.65 2.75
CA ALA C 33 6.62 30.25 3.47
C ALA C 33 5.81 31.47 3.83
N LEU C 34 6.48 32.55 4.26
CA LEU C 34 5.75 33.80 4.58
C LEU C 34 5.08 34.42 3.35
N VAL C 35 5.86 34.44 2.26
CA VAL C 35 5.35 34.93 0.99
C VAL C 35 4.13 34.19 0.52
N THR C 36 4.12 32.87 0.72
CA THR C 36 2.98 32.06 0.20
C THR C 36 1.69 32.41 0.93
N LYS C 37 1.75 32.65 2.23
CA LYS C 37 0.56 33.09 2.96
C LYS C 37 0.26 34.55 2.64
N GLN C 38 1.24 35.46 2.48
CA GLN C 38 0.95 36.84 2.06
C GLN C 38 0.17 36.87 0.75
N ALA C 39 0.52 36.04 -0.21
CA ALA C 39 -0.23 36.01 -1.47
C ALA C 39 -1.60 35.38 -1.26
N HIS C 40 -1.67 34.28 -0.51
CA HIS C 40 -2.88 33.59 -0.19
C HIS C 40 -3.96 34.51 0.38
N TRP C 41 -3.58 35.38 1.34
CA TRP C 41 -4.60 36.23 1.94
C TRP C 41 -5.09 37.35 1.03
N ASN C 42 -4.18 37.90 0.20
CA ASN C 42 -4.50 39.14 -0.51
C ASN C 42 -4.87 38.95 -1.98
N LEU C 43 -4.83 37.75 -2.53
CA LEU C 43 -5.15 37.61 -3.95
C LEU C 43 -6.61 37.80 -4.23
N LYS C 44 -6.90 38.38 -5.43
CA LYS C 44 -8.26 38.68 -5.81
C LYS C 44 -8.35 38.46 -7.32
N GLY C 45 -9.49 37.90 -7.78
CA GLY C 45 -9.69 37.66 -9.23
C GLY C 45 -10.41 36.36 -9.47
N PRO C 46 -10.66 36.00 -10.75
CA PRO C 46 -11.60 34.95 -11.07
C PRO C 46 -11.27 33.54 -10.61
N GLN C 47 -10.00 33.29 -10.42
CA GLN C 47 -9.55 31.97 -9.94
C GLN C 47 -9.26 32.00 -8.46
N PHE C 48 -9.83 32.96 -7.72
CA PHE C 48 -9.53 33.10 -6.30
C PHE C 48 -9.50 31.79 -5.52
N ILE C 49 -10.62 31.02 -5.44
CA ILE C 49 -10.62 29.94 -4.41
C ILE C 49 -9.61 28.87 -4.71
N ALA C 50 -9.47 28.54 -6.03
CA ALA C 50 -8.52 27.46 -6.34
C ALA C 50 -7.07 27.81 -6.04
N VAL C 51 -6.67 29.06 -6.36
CA VAL C 51 -5.26 29.44 -6.10
C VAL C 51 -5.12 29.69 -4.60
N HIS C 52 -6.15 30.30 -3.95
CA HIS C 52 -6.06 30.49 -2.47
C HIS C 52 -5.80 29.17 -1.76
N GLU C 53 -6.56 28.13 -2.17
CA GLU C 53 -6.42 26.84 -1.48
C GLU C 53 -5.11 26.16 -1.84
N LEU C 54 -4.70 26.24 -3.10
CA LEU C 54 -3.44 25.59 -3.49
C LEU C 54 -2.27 26.13 -2.65
N LEU C 55 -2.31 27.47 -2.46
CA LEU C 55 -1.17 28.06 -1.72
C LEU C 55 -1.09 27.53 -0.30
N ASP C 56 -2.21 27.14 0.30
CA ASP C 56 -2.09 26.50 1.63
C ASP C 56 -1.40 25.18 1.57
N THR C 57 -1.60 24.36 0.53
CA THR C 57 -0.87 23.09 0.41
C THR C 57 0.61 23.40 0.25
N PHE C 58 0.98 24.42 -0.53
CA PHE C 58 2.39 24.73 -0.67
C PHE C 58 2.98 25.14 0.68
N ARG C 59 2.25 25.95 1.44
CA ARG C 59 2.79 26.36 2.75
C ARG C 59 3.04 25.14 3.63
N THR C 60 2.12 24.19 3.65
CA THR C 60 2.38 22.99 4.50
C THR C 60 3.64 22.30 4.04
N GLN C 61 3.89 22.15 2.73
CA GLN C 61 5.09 21.51 2.24
C GLN C 61 6.33 22.26 2.64
N LEU C 62 6.30 23.59 2.52
CA LEU C 62 7.46 24.41 2.92
C LEU C 62 7.71 24.28 4.41
N ASP C 63 6.61 24.21 5.19
CA ASP C 63 6.81 24.03 6.63
C ASP C 63 7.53 22.69 6.91
N ASN C 64 7.09 21.64 6.21
CA ASN C 64 7.73 20.34 6.44
C ASN C 64 9.19 20.27 5.98
N HIS C 65 9.49 20.87 4.80
CA HIS C 65 10.92 20.84 4.36
C HIS C 65 11.76 21.80 5.20
N GLY C 66 11.21 22.95 5.61
CA GLY C 66 12.06 23.81 6.48
C GLY C 66 12.30 23.10 7.82
N ASP C 67 11.34 22.39 8.40
CA ASP C 67 11.64 21.65 9.64
C ASP C 67 12.69 20.58 9.40
N THR C 68 12.64 19.80 8.31
CA THR C 68 13.62 18.77 8.04
C THR C 68 15.02 19.39 7.87
N ILE C 69 15.11 20.52 7.17
CA ILE C 69 16.41 21.18 6.95
C ILE C 69 16.95 21.67 8.29
N ALA C 70 16.11 22.32 9.12
CA ALA C 70 16.60 22.85 10.41
C ALA C 70 17.01 21.75 11.36
N GLU C 71 16.24 20.66 11.37
CA GLU C 71 16.60 19.55 12.28
C GLU C 71 17.92 18.92 11.82
N ARG C 72 18.18 18.94 10.50
CA ARG C 72 19.48 18.39 10.09
C ARG C 72 20.66 19.24 10.52
N VAL C 73 20.51 20.55 10.51
CA VAL C 73 21.58 21.43 11.05
C VAL C 73 21.96 20.96 12.44
N VAL C 74 20.93 20.75 13.26
CA VAL C 74 21.16 20.40 14.65
C VAL C 74 21.73 19.01 14.83
N GLN C 75 21.27 18.05 14.02
CA GLN C 75 21.88 16.71 14.03
C GLN C 75 23.38 16.78 13.71
N LEU C 76 23.80 17.73 12.91
CA LEU C 76 25.25 17.83 12.56
C LEU C 76 26.00 18.68 13.60
N GLY C 77 25.37 19.05 14.66
CA GLY C 77 26.05 19.80 15.74
C GLY C 77 25.91 21.30 15.56
N GLY C 78 25.10 21.77 14.63
CA GLY C 78 25.04 23.26 14.49
C GLY C 78 23.82 23.80 15.27
N THR C 79 23.59 25.08 15.00
CA THR C 79 22.46 25.82 15.48
C THR C 79 21.56 26.18 14.29
N ALA C 80 20.29 25.71 14.34
CA ALA C 80 19.38 26.10 13.20
C ALA C 80 19.02 27.57 13.40
N LEU C 81 19.08 28.31 12.30
CA LEU C 81 18.88 29.77 12.38
C LEU C 81 17.64 30.19 11.60
N GLY C 82 16.50 30.21 12.31
CA GLY C 82 15.21 30.51 11.72
C GLY C 82 14.43 31.63 12.36
N SER C 83 15.06 32.43 13.20
CA SER C 83 14.33 33.56 13.78
C SER C 83 14.13 34.62 12.71
N LEU C 84 13.20 35.56 13.03
CA LEU C 84 12.93 36.70 12.13
C LEU C 84 14.22 37.39 11.68
N GLN C 85 15.15 37.65 12.61
CA GLN C 85 16.39 38.36 12.29
C GLN C 85 17.36 37.51 11.48
N ALA C 86 17.47 36.21 11.74
CA ALA C 86 18.33 35.36 10.94
C ALA C 86 17.82 35.24 9.52
N VAL C 87 16.48 35.11 9.36
CA VAL C 87 15.86 35.04 8.03
C VAL C 87 16.07 36.36 7.27
N SER C 88 15.88 37.49 7.94
CA SER C 88 16.11 38.77 7.24
C SER C 88 17.56 38.93 6.80
N SER C 89 18.53 38.47 7.59
CA SER C 89 19.91 38.63 7.20
C SER C 89 20.39 37.66 6.16
N THR C 90 19.68 36.54 5.93
CA THR C 90 20.16 35.46 5.11
C THR C 90 19.34 35.11 3.87
N THR C 91 18.09 35.59 3.89
CA THR C 91 17.23 35.30 2.72
C THR C 91 17.82 35.81 1.41
N LYS C 92 17.60 35.10 0.31
CA LYS C 92 18.07 35.57 -0.99
C LYS C 92 16.89 36.12 -1.73
N LEU C 93 15.68 36.18 -1.21
CA LEU C 93 14.53 36.66 -1.94
C LEU C 93 14.30 38.15 -1.78
N LYS C 94 13.81 38.75 -2.87
CA LYS C 94 13.53 40.20 -2.79
C LYS C 94 12.22 40.41 -2.00
N ALA C 95 12.11 41.52 -1.30
CA ALA C 95 10.89 41.80 -0.55
C ALA C 95 9.66 41.62 -1.41
N TYR C 96 8.65 40.94 -0.81
CA TYR C 96 7.42 40.71 -1.59
C TYR C 96 6.60 41.98 -1.60
N PRO C 97 6.00 42.32 -2.75
CA PRO C 97 5.18 43.50 -2.81
C PRO C 97 3.91 43.36 -1.99
N THR C 98 3.68 44.41 -1.20
CA THR C 98 2.45 44.37 -0.39
C THR C 98 1.29 45.15 -0.98
N ASP C 99 1.46 45.60 -2.24
CA ASP C 99 0.42 46.39 -2.86
C ASP C 99 -0.05 45.81 -4.17
N ILE C 100 0.03 44.45 -4.24
CA ILE C 100 -0.54 43.75 -5.42
C ILE C 100 -1.67 42.84 -4.98
N TYR C 101 -2.65 42.64 -5.86
CA TYR C 101 -3.91 41.95 -5.55
C TYR C 101 -4.33 41.02 -6.65
N LYS C 102 -4.25 41.41 -7.96
CA LYS C 102 -4.63 40.61 -9.06
C LYS C 102 -3.89 39.28 -9.02
N ILE C 103 -4.67 38.24 -9.36
CA ILE C 103 -4.05 36.89 -9.35
C ILE C 103 -2.83 36.80 -10.21
N HIS C 104 -2.85 37.44 -11.41
CA HIS C 104 -1.64 37.30 -12.24
C HIS C 104 -0.40 37.99 -11.64
N ASP C 105 -0.64 39.07 -10.87
CA ASP C 105 0.48 39.77 -10.22
C ASP C 105 1.05 38.86 -9.13
N HIS C 106 0.22 38.25 -8.32
CA HIS C 106 0.77 37.37 -7.29
C HIS C 106 1.42 36.16 -7.97
N LEU C 107 0.83 35.57 -9.01
CA LEU C 107 1.50 34.45 -9.68
C LEU C 107 2.88 34.84 -10.21
N ASP C 108 3.00 36.04 -10.78
CA ASP C 108 4.34 36.43 -11.26
C ASP C 108 5.36 36.54 -10.12
N ALA C 109 4.91 37.12 -9.00
CA ALA C 109 5.83 37.32 -7.88
C ALA C 109 6.17 35.97 -7.24
N LEU C 110 5.17 35.07 -7.18
CA LEU C 110 5.47 33.76 -6.58
C LEU C 110 6.37 32.94 -7.48
N ILE C 111 6.10 33.01 -8.80
CA ILE C 111 6.98 32.27 -9.72
C ILE C 111 8.45 32.69 -9.61
N GLU C 112 8.71 34.00 -9.47
CA GLU C 112 10.11 34.45 -9.33
C GLU C 112 10.76 33.77 -8.13
N ARG C 113 10.03 33.84 -7.00
CA ARG C 113 10.58 33.34 -5.73
C ARG C 113 10.63 31.85 -5.57
N TYR C 114 9.56 31.19 -6.05
CA TYR C 114 9.59 29.73 -6.11
C TYR C 114 10.71 29.25 -7.03
N GLY C 115 10.91 29.94 -8.16
CA GLY C 115 12.00 29.51 -9.06
C GLY C 115 13.34 29.67 -8.37
N GLU C 116 13.56 30.78 -7.64
CA GLU C 116 14.82 31.01 -6.97
C GLU C 116 15.09 29.94 -5.90
N VAL C 117 14.03 29.63 -5.13
CA VAL C 117 14.22 28.59 -4.09
C VAL C 117 14.37 27.20 -4.63
N ALA C 118 13.56 26.89 -5.65
CA ALA C 118 13.74 25.58 -6.30
C ALA C 118 15.17 25.41 -6.81
N ASN C 119 15.70 26.48 -7.45
CA ASN C 119 17.08 26.38 -8.01
C ASN C 119 18.15 26.39 -6.93
N MET C 120 17.95 27.04 -5.81
CA MET C 120 18.90 26.99 -4.68
C MET C 120 18.91 25.57 -4.09
N ILE C 121 17.71 24.98 -3.98
CA ILE C 121 17.69 23.61 -3.43
C ILE C 121 18.30 22.63 -4.40
N ARG C 122 18.12 22.82 -5.71
CA ARG C 122 18.73 21.92 -6.70
C ARG C 122 20.24 21.92 -6.52
N LYS C 123 20.80 23.11 -6.33
CA LYS C 123 22.24 23.27 -6.13
C LYS C 123 22.66 22.61 -4.83
N ALA C 124 21.87 22.80 -3.77
CA ALA C 124 22.18 22.24 -2.47
C ALA C 124 22.29 20.72 -2.50
N ILE C 125 21.50 20.02 -3.31
CA ILE C 125 21.67 18.57 -3.43
C ILE C 125 23.11 18.25 -3.82
N ASP C 126 23.53 18.91 -4.90
CA ASP C 126 24.85 18.60 -5.43
C ASP C 126 25.96 18.97 -4.46
N ASP C 127 25.82 20.15 -3.84
CA ASP C 127 26.88 20.62 -2.92
C ASP C 127 26.93 19.70 -1.71
N SER C 128 25.76 19.28 -1.19
CA SER C 128 25.74 18.36 -0.04
C SER C 128 26.30 17.01 -0.37
N ASP C 129 25.97 16.44 -1.53
CA ASP C 129 26.53 15.17 -1.93
C ASP C 129 28.06 15.22 -2.16
N GLU C 130 28.47 16.31 -2.78
CA GLU C 130 29.91 16.47 -3.05
C GLU C 130 30.68 16.66 -1.78
N ALA C 131 30.08 17.19 -0.72
CA ALA C 131 30.69 17.30 0.58
C ALA C 131 30.74 15.97 1.30
N GLY C 132 30.15 14.89 0.78
CA GLY C 132 30.23 13.58 1.38
C GLY C 132 29.04 13.30 2.34
N ASP C 133 27.94 14.02 2.10
CA ASP C 133 26.78 13.79 2.99
C ASP C 133 25.51 13.45 2.18
N PRO C 134 25.39 12.24 1.72
CA PRO C 134 24.24 11.84 0.95
C PRO C 134 22.96 11.87 1.79
N THR C 135 23.05 11.73 3.11
CA THR C 135 21.79 11.81 3.92
C THR C 135 21.26 13.21 3.84
N THR C 136 22.09 14.27 3.96
CA THR C 136 21.57 15.63 3.77
C THR C 136 21.16 15.82 2.33
N ALA C 137 21.91 15.31 1.34
CA ALA C 137 21.51 15.49 -0.07
C ALA C 137 20.10 14.88 -0.25
N ASP C 138 19.76 13.83 0.42
CA ASP C 138 18.39 13.28 0.22
C ASP C 138 17.31 14.17 0.80
N ILE C 139 17.62 14.84 1.91
CA ILE C 139 16.66 15.85 2.47
C ILE C 139 16.39 16.91 1.40
N PHE C 140 17.49 17.42 0.77
CA PHE C 140 17.31 18.43 -0.27
C PHE C 140 16.62 17.81 -1.49
N THR C 141 16.83 16.56 -1.81
CA THR C 141 16.17 15.95 -2.98
C THR C 141 14.66 15.84 -2.78
N ALA C 142 14.31 15.50 -1.54
CA ALA C 142 12.85 15.44 -1.29
C ALA C 142 12.23 16.81 -1.39
N ALA C 143 12.93 17.85 -0.89
CA ALA C 143 12.43 19.19 -1.02
C ALA C 143 12.34 19.64 -2.47
N SER C 144 13.41 19.27 -3.25
CA SER C 144 13.43 19.60 -4.68
C SER C 144 12.24 19.04 -5.44
N ARG C 145 11.88 17.80 -5.10
CA ARG C 145 10.72 17.25 -5.83
C ARG C 145 9.47 18.08 -5.55
N ASP C 146 9.23 18.48 -4.30
CA ASP C 146 8.02 19.29 -4.08
C ASP C 146 8.17 20.70 -4.65
N LEU C 147 9.37 21.33 -4.56
CA LEU C 147 9.54 22.69 -5.10
C LEU C 147 9.38 22.72 -6.62
N ASP C 148 9.96 21.73 -7.30
CA ASP C 148 9.83 21.69 -8.76
C ASP C 148 8.39 21.43 -9.17
N LYS C 149 7.64 20.62 -8.41
CA LYS C 149 6.22 20.42 -8.76
C LYS C 149 5.40 21.67 -8.46
N SER C 150 5.72 22.32 -7.33
CA SER C 150 4.97 23.54 -7.06
C SER C 150 5.26 24.61 -8.06
N LEU C 151 6.52 24.73 -8.47
CA LEU C 151 6.89 25.70 -9.54
C LEU C 151 6.13 25.42 -10.85
N TRP C 152 6.01 24.16 -11.21
CA TRP C 152 5.23 23.81 -12.43
C TRP C 152 3.79 24.21 -12.20
N PHE C 153 3.18 23.83 -11.05
CA PHE C 153 1.80 24.24 -10.84
C PHE C 153 1.60 25.73 -11.04
N LEU C 154 2.51 26.57 -10.46
CA LEU C 154 2.30 27.99 -10.66
C LEU C 154 2.52 28.39 -12.13
N GLU C 155 3.59 27.89 -12.75
CA GLU C 155 3.88 28.29 -14.15
C GLU C 155 2.78 27.81 -15.09
N ALA C 156 2.19 26.66 -14.81
CA ALA C 156 1.13 26.19 -15.71
C ALA C 156 -0.06 27.12 -15.77
N HIS C 157 -0.29 27.96 -14.75
CA HIS C 157 -1.41 28.90 -14.77
C HIS C 157 -1.11 30.05 -15.75
N VAL C 158 0.16 30.31 -16.02
CA VAL C 158 0.47 31.50 -16.87
C VAL C 158 1.06 31.11 -18.20
N GLN C 159 1.33 29.86 -18.49
CA GLN C 159 1.98 29.40 -19.73
C GLN C 159 1.02 29.46 -20.91
N GLU C 160 -0.25 29.57 -20.69
CA GLU C 160 -1.27 29.81 -21.72
C GLU C 160 -2.32 30.73 -21.12
N LYS C 161 -3.04 31.49 -21.93
CA LYS C 161 -4.09 32.41 -21.52
C LYS C 161 -5.50 31.79 -21.46
N SER C 162 -5.71 30.58 -21.95
CA SER C 162 -7.05 30.00 -21.85
C SER C 162 -6.92 28.48 -21.89
N THR D 3 -53.09 -3.55 12.38
CA THR D 3 -52.93 -3.77 10.90
C THR D 3 -51.79 -2.93 10.38
N HIS D 4 -50.96 -3.57 9.53
CA HIS D 4 -49.82 -2.85 8.98
C HIS D 4 -50.28 -2.04 7.76
N LYS D 5 -50.99 -1.00 8.09
CA LYS D 5 -51.50 0.06 7.24
C LYS D 5 -50.31 1.03 7.03
N THR D 6 -50.14 1.25 5.74
CA THR D 6 -49.10 2.16 5.29
C THR D 6 -49.62 3.08 4.19
N LYS D 7 -49.03 4.26 4.08
CA LYS D 7 -49.31 5.16 2.95
C LYS D 7 -48.62 4.70 1.67
N ASN D 8 -47.69 3.77 1.70
CA ASN D 8 -47.01 3.28 0.51
C ASN D 8 -48.06 2.77 -0.48
N ASP D 9 -48.17 3.33 -1.69
CA ASP D 9 -49.24 3.01 -2.62
C ASP D 9 -48.94 1.93 -3.62
N LEU D 10 -47.91 1.09 -3.47
CA LEU D 10 -47.79 -0.07 -4.38
C LEU D 10 -49.07 -0.89 -4.21
N PRO D 11 -49.68 -1.32 -5.33
CA PRO D 11 -50.94 -2.05 -5.17
C PRO D 11 -50.89 -3.24 -4.27
N SER D 12 -51.91 -3.48 -3.48
CA SER D 12 -51.95 -4.56 -2.51
C SER D 12 -51.61 -5.91 -3.07
N ASN D 13 -52.05 -6.29 -4.27
CA ASN D 13 -51.69 -7.58 -4.86
C ASN D 13 -50.20 -7.65 -5.22
N ALA D 14 -49.60 -6.55 -5.65
CA ALA D 14 -48.17 -6.50 -5.93
C ALA D 14 -47.44 -6.66 -4.60
N LYS D 15 -47.93 -5.97 -3.60
CA LYS D 15 -47.28 -6.12 -2.25
C LYS D 15 -47.26 -7.59 -1.84
N SER D 16 -48.42 -8.26 -1.90
CA SER D 16 -48.39 -9.65 -1.44
C SER D 16 -47.52 -10.54 -2.33
N THR D 17 -47.52 -10.36 -3.65
CA THR D 17 -46.68 -11.16 -4.52
C THR D 17 -45.21 -10.93 -4.15
N VAL D 18 -44.80 -9.67 -3.98
CA VAL D 18 -43.37 -9.40 -3.74
C VAL D 18 -42.96 -9.78 -2.36
N ILE D 19 -43.82 -9.71 -1.34
CA ILE D 19 -43.49 -10.26 -0.03
C ILE D 19 -43.11 -11.73 -0.15
N GLY D 20 -43.92 -12.49 -0.92
CA GLY D 20 -43.57 -13.92 -1.00
C GLY D 20 -42.20 -14.15 -1.65
N ILE D 21 -41.90 -13.34 -2.66
CA ILE D 21 -40.58 -13.51 -3.34
C ILE D 21 -39.46 -13.14 -2.35
N LEU D 22 -39.67 -12.03 -1.66
CA LEU D 22 -38.64 -11.60 -0.69
C LEU D 22 -38.47 -12.59 0.42
N ASN D 23 -39.51 -13.11 1.10
CA ASN D 23 -39.33 -14.06 2.18
C ASN D 23 -38.76 -15.38 1.70
N GLU D 24 -39.07 -15.78 0.46
CA GLU D 24 -38.46 -17.03 0.00
C GLU D 24 -36.95 -16.79 -0.16
N SER D 25 -36.58 -15.68 -0.82
CA SER D 25 -35.12 -15.43 -1.00
C SER D 25 -34.45 -15.24 0.35
N LEU D 26 -35.09 -14.59 1.34
CA LEU D 26 -34.51 -14.34 2.65
C LEU D 26 -34.11 -15.66 3.30
N ALA D 27 -34.93 -16.70 3.19
CA ALA D 27 -34.57 -17.97 3.85
C ALA D 27 -33.32 -18.62 3.26
N SER D 28 -33.22 -18.62 1.94
CA SER D 28 -32.01 -19.20 1.32
C SER D 28 -30.80 -18.29 1.55
N VAL D 29 -30.98 -16.96 1.61
CA VAL D 29 -29.80 -16.11 1.91
C VAL D 29 -29.34 -16.34 3.33
N ILE D 30 -30.23 -16.47 4.29
CA ILE D 30 -29.79 -16.73 5.68
C ILE D 30 -29.12 -18.10 5.79
N ASP D 31 -29.70 -19.12 5.12
CA ASP D 31 -28.98 -20.45 5.16
C ASP D 31 -27.58 -20.29 4.54
N LEU D 32 -27.53 -19.63 3.36
CA LEU D 32 -26.19 -19.47 2.75
C LEU D 32 -25.24 -18.70 3.66
N ALA D 33 -25.71 -17.73 4.48
CA ALA D 33 -24.81 -17.05 5.38
C ALA D 33 -24.30 -18.02 6.46
N LEU D 34 -25.19 -18.94 6.93
CA LEU D 34 -24.72 -19.94 7.90
C LEU D 34 -23.71 -20.91 7.27
N VAL D 35 -24.01 -21.32 6.07
CA VAL D 35 -23.06 -22.17 5.29
C VAL D 35 -21.70 -21.53 5.14
N THR D 36 -21.70 -20.21 4.89
CA THR D 36 -20.41 -19.55 4.60
C THR D 36 -19.53 -19.61 5.83
N LYS D 37 -20.09 -19.37 7.02
CA LYS D 37 -19.24 -19.47 8.22
C LYS D 37 -18.89 -20.93 8.49
N GLN D 38 -19.82 -21.89 8.31
CA GLN D 38 -19.54 -23.33 8.52
C GLN D 38 -18.30 -23.69 7.72
N ALA D 39 -18.22 -23.29 6.47
CA ALA D 39 -17.05 -23.65 5.64
C ALA D 39 -15.84 -22.92 6.17
N HIS D 40 -15.96 -21.61 6.45
CA HIS D 40 -14.88 -20.76 6.95
C HIS D 40 -14.18 -21.35 8.14
N TRP D 41 -14.95 -21.88 9.09
CA TRP D 41 -14.31 -22.40 10.29
C TRP D 41 -13.54 -23.71 10.07
N ASN D 42 -14.09 -24.58 9.21
CA ASN D 42 -13.62 -25.95 9.09
C ASN D 42 -12.77 -26.26 7.90
N LEU D 43 -12.42 -25.27 7.08
CA LEU D 43 -11.57 -25.62 5.93
C LEU D 43 -10.12 -25.76 6.30
N LYS D 44 -9.43 -26.69 5.60
CA LYS D 44 -8.05 -27.05 5.87
C LYS D 44 -7.40 -27.30 4.50
N GLY D 45 -6.14 -26.81 4.40
CA GLY D 45 -5.44 -27.01 3.12
C GLY D 45 -4.54 -25.83 2.79
N PRO D 46 -3.80 -25.85 1.70
CA PRO D 46 -2.75 -24.90 1.45
C PRO D 46 -3.14 -23.42 1.27
N GLN D 47 -4.42 -23.29 0.82
CA GLN D 47 -4.94 -21.91 0.63
C GLN D 47 -5.74 -21.42 1.82
N PHE D 48 -5.54 -22.04 2.97
CA PHE D 48 -6.36 -21.78 4.12
C PHE D 48 -6.63 -20.28 4.37
N ILE D 49 -5.60 -19.47 4.63
CA ILE D 49 -5.93 -18.12 5.13
C ILE D 49 -6.64 -17.30 4.09
N ALA D 50 -6.33 -17.43 2.83
CA ALA D 50 -6.96 -16.59 1.83
C ALA D 50 -8.42 -16.97 1.68
N VAL D 51 -8.76 -18.23 1.64
CA VAL D 51 -10.14 -18.63 1.47
C VAL D 51 -10.88 -18.36 2.77
N HIS D 52 -10.25 -18.62 3.92
CA HIS D 52 -10.87 -18.32 5.22
C HIS D 52 -11.27 -16.85 5.27
N GLU D 53 -10.36 -15.95 4.92
CA GLU D 53 -10.71 -14.50 5.03
C GLU D 53 -11.72 -14.10 4.00
N LEU D 54 -11.65 -14.62 2.78
CA LEU D 54 -12.61 -14.27 1.73
C LEU D 54 -14.01 -14.60 2.19
N LEU D 55 -14.20 -15.78 2.77
CA LEU D 55 -15.57 -16.14 3.17
C LEU D 55 -16.13 -15.18 4.21
N ASP D 56 -15.35 -14.54 5.08
CA ASP D 56 -15.91 -13.50 5.96
C ASP D 56 -16.39 -12.32 5.16
N THR D 57 -15.75 -11.91 4.06
CA THR D 57 -16.26 -10.79 3.27
C THR D 57 -17.60 -11.19 2.66
N PHE D 58 -17.71 -12.45 2.19
CA PHE D 58 -18.98 -12.91 1.63
C PHE D 58 -20.07 -12.90 2.70
N ARG D 59 -19.76 -13.30 3.92
CA ARG D 59 -20.77 -13.34 4.96
C ARG D 59 -21.24 -11.91 5.24
N THR D 60 -20.35 -10.93 5.32
CA THR D 60 -20.85 -9.55 5.54
C THR D 60 -21.79 -9.16 4.41
N GLN D 61 -21.49 -9.51 3.15
CA GLN D 61 -22.39 -9.14 2.04
C GLN D 61 -23.75 -9.82 2.19
N LEU D 62 -23.74 -11.09 2.59
CA LEU D 62 -25.05 -11.77 2.75
C LEU D 62 -25.86 -11.20 3.90
N ASP D 63 -25.14 -10.77 4.92
CA ASP D 63 -25.83 -10.12 6.06
C ASP D 63 -26.47 -8.86 5.52
N ASN D 64 -25.80 -8.04 4.73
CA ASN D 64 -26.39 -6.77 4.27
C ASN D 64 -27.53 -6.99 3.29
N HIS D 65 -27.39 -7.94 2.34
CA HIS D 65 -28.51 -8.18 1.43
C HIS D 65 -29.69 -8.81 2.17
N GLY D 66 -29.42 -9.75 3.10
CA GLY D 66 -30.54 -10.37 3.83
C GLY D 66 -31.25 -9.26 4.58
N ASP D 67 -30.57 -8.34 5.23
CA ASP D 67 -31.25 -7.27 5.97
C ASP D 67 -32.02 -6.39 5.00
N THR D 68 -31.51 -6.05 3.83
CA THR D 68 -32.26 -5.18 2.91
C THR D 68 -33.52 -5.92 2.40
N ILE D 69 -33.41 -7.22 2.12
CA ILE D 69 -34.60 -8.01 1.71
C ILE D 69 -35.65 -8.09 2.80
N ALA D 70 -35.22 -8.33 4.03
CA ALA D 70 -36.16 -8.41 5.15
C ALA D 70 -36.83 -7.06 5.40
N GLU D 71 -36.04 -5.99 5.39
CA GLU D 71 -36.65 -4.66 5.60
C GLU D 71 -37.66 -4.34 4.54
N ARG D 72 -37.39 -4.79 3.29
CA ARG D 72 -38.40 -4.52 2.24
C ARG D 72 -39.69 -5.28 2.49
N VAL D 73 -39.65 -6.49 3.01
CA VAL D 73 -40.93 -7.18 3.32
C VAL D 73 -41.74 -6.26 4.25
N VAL D 74 -41.10 -5.79 5.32
CA VAL D 74 -41.85 -4.96 6.29
C VAL D 74 -42.31 -3.63 5.72
N GLN D 75 -41.53 -3.00 4.85
CA GLN D 75 -42.02 -1.78 4.18
C GLN D 75 -43.29 -2.03 3.41
N LEU D 76 -43.42 -3.21 2.81
CA LEU D 76 -44.61 -3.55 2.03
C LEU D 76 -45.74 -4.06 2.92
N GLY D 77 -45.66 -3.98 4.21
CA GLY D 77 -46.77 -4.41 5.10
C GLY D 77 -46.73 -5.85 5.52
N GLY D 78 -45.65 -6.59 5.27
CA GLY D 78 -45.51 -8.00 5.60
C GLY D 78 -44.72 -8.17 6.93
N THR D 79 -44.52 -9.45 7.22
CA THR D 79 -43.72 -9.92 8.36
C THR D 79 -42.48 -10.58 7.78
N ALA D 80 -41.27 -10.06 8.11
CA ALA D 80 -40.07 -10.74 7.62
C ALA D 80 -39.88 -12.02 8.43
N LEU D 81 -39.57 -13.08 7.71
CA LEU D 81 -39.50 -14.43 8.26
C LEU D 81 -38.10 -15.01 8.16
N GLY D 82 -37.37 -14.72 9.24
CA GLY D 82 -35.93 -15.09 9.28
C GLY D 82 -35.53 -15.83 10.52
N SER D 83 -36.47 -16.42 11.29
CA SER D 83 -36.11 -17.25 12.45
C SER D 83 -35.63 -18.61 11.97
N LEU D 84 -34.97 -19.30 12.94
CA LEU D 84 -34.46 -20.64 12.60
C LEU D 84 -35.51 -21.55 11.98
N GLN D 85 -36.73 -21.50 12.52
CA GLN D 85 -37.77 -22.38 11.97
C GLN D 85 -38.26 -21.90 10.64
N ALA D 86 -38.39 -20.57 10.40
CA ALA D 86 -38.79 -20.11 9.08
C ALA D 86 -37.80 -20.49 7.99
N VAL D 87 -36.51 -20.32 8.31
CA VAL D 87 -35.43 -20.66 7.37
C VAL D 87 -35.42 -22.17 7.10
N SER D 88 -35.61 -22.99 8.14
CA SER D 88 -35.65 -24.45 7.88
C SER D 88 -36.83 -24.87 7.02
N SER D 89 -37.97 -24.19 7.17
CA SER D 89 -39.09 -24.61 6.34
C SER D 89 -39.09 -24.05 4.96
N THR D 90 -38.29 -22.97 4.65
CA THR D 90 -38.35 -22.32 3.37
C THR D 90 -37.08 -22.37 2.53
N THR D 91 -35.94 -22.70 3.19
CA THR D 91 -34.69 -22.71 2.39
C THR D 91 -34.79 -23.65 1.20
N LYS D 92 -34.07 -23.38 0.14
CA LYS D 92 -34.03 -24.30 -1.01
C LYS D 92 -32.70 -24.99 -1.04
N LEU D 93 -31.83 -24.80 -0.07
CA LEU D 93 -30.50 -25.38 -0.12
C LEU D 93 -30.46 -26.74 0.59
N LYS D 94 -29.66 -27.64 0.00
CA LYS D 94 -29.49 -28.92 0.71
C LYS D 94 -28.57 -28.77 1.90
N ALA D 95 -28.81 -29.59 2.93
CA ALA D 95 -27.97 -29.53 4.12
C ALA D 95 -26.49 -29.59 3.78
N TYR D 96 -25.75 -28.66 4.42
CA TYR D 96 -24.30 -28.61 4.15
C TYR D 96 -23.62 -29.74 4.89
N PRO D 97 -22.64 -30.40 4.25
CA PRO D 97 -21.97 -31.50 4.91
C PRO D 97 -21.09 -31.05 6.06
N THR D 98 -21.16 -31.70 7.20
CA THR D 98 -20.40 -31.31 8.36
C THR D 98 -19.15 -32.20 8.53
N ASP D 99 -18.88 -33.03 7.50
CA ASP D 99 -17.72 -33.92 7.64
C ASP D 99 -16.76 -33.70 6.53
N ILE D 100 -16.68 -32.46 5.97
CA ILE D 100 -15.69 -32.17 4.93
C ILE D 100 -14.71 -31.08 5.43
N TYR D 101 -13.46 -31.17 5.00
CA TYR D 101 -12.38 -30.35 5.52
C TYR D 101 -11.53 -29.85 4.36
N LYS D 102 -11.11 -30.64 3.38
CA LYS D 102 -10.30 -30.13 2.29
C LYS D 102 -10.96 -28.89 1.64
N ILE D 103 -10.13 -27.91 1.31
CA ILE D 103 -10.61 -26.69 0.68
C ILE D 103 -11.36 -26.98 -0.58
N HIS D 104 -10.88 -27.97 -1.38
CA HIS D 104 -11.64 -28.23 -2.62
C HIS D 104 -13.03 -28.76 -2.33
N ASP D 105 -13.18 -29.53 -1.26
CA ASP D 105 -14.52 -30.06 -0.94
C ASP D 105 -15.40 -28.91 -0.50
N HIS D 106 -14.89 -27.99 0.32
CA HIS D 106 -15.77 -26.83 0.68
C HIS D 106 -16.06 -26.00 -0.53
N LEU D 107 -15.06 -25.74 -1.41
CA LEU D 107 -15.37 -24.92 -2.58
C LEU D 107 -16.44 -25.55 -3.44
N ASP D 108 -16.42 -26.86 -3.64
CA ASP D 108 -17.51 -27.47 -4.44
C ASP D 108 -18.89 -27.34 -3.79
N ALA D 109 -18.90 -27.52 -2.47
CA ALA D 109 -20.19 -27.39 -1.76
C ALA D 109 -20.68 -25.95 -1.76
N LEU D 110 -19.75 -25.01 -1.60
CA LEU D 110 -20.15 -23.59 -1.67
C LEU D 110 -20.57 -23.20 -3.08
N ILE D 111 -19.88 -23.66 -4.10
CA ILE D 111 -20.27 -23.32 -5.47
C ILE D 111 -21.69 -23.81 -5.78
N GLU D 112 -22.09 -24.99 -5.31
CA GLU D 112 -23.45 -25.45 -5.60
C GLU D 112 -24.45 -24.46 -4.98
N ARG D 113 -24.21 -24.08 -3.72
CA ARG D 113 -25.19 -23.29 -2.97
C ARG D 113 -25.19 -21.82 -3.33
N TYR D 114 -24.02 -21.27 -3.60
CA TYR D 114 -23.91 -19.91 -4.11
C TYR D 114 -24.56 -19.79 -5.48
N GLY D 115 -24.35 -20.83 -6.30
CA GLY D 115 -24.98 -20.80 -7.66
C GLY D 115 -26.50 -20.90 -7.51
N GLU D 116 -27.01 -21.67 -6.59
CA GLU D 116 -28.49 -21.73 -6.48
C GLU D 116 -29.04 -20.40 -5.99
N VAL D 117 -28.36 -19.83 -4.98
CA VAL D 117 -28.88 -18.51 -4.49
C VAL D 117 -28.73 -17.42 -5.49
N ALA D 118 -27.59 -17.37 -6.20
CA ALA D 118 -27.40 -16.37 -7.25
C ALA D 118 -28.47 -16.47 -8.32
N ASN D 119 -28.82 -17.74 -8.68
CA ASN D 119 -29.87 -17.91 -9.70
C ASN D 119 -31.27 -17.62 -9.16
N MET D 120 -31.53 -17.87 -7.88
CA MET D 120 -32.87 -17.51 -7.36
C MET D 120 -33.00 -15.99 -7.32
N ILE D 121 -31.90 -15.31 -6.91
CA ILE D 121 -31.98 -13.82 -6.88
C ILE D 121 -32.13 -13.24 -8.26
N ARG D 122 -31.48 -13.79 -9.32
CA ARG D 122 -31.61 -13.37 -10.70
C ARG D 122 -33.08 -13.45 -11.14
N LYS D 123 -33.74 -14.54 -10.80
CA LYS D 123 -35.16 -14.69 -11.16
C LYS D 123 -35.99 -13.67 -10.35
N ALA D 124 -35.67 -13.43 -9.09
CA ALA D 124 -36.42 -12.49 -8.26
C ALA D 124 -36.38 -11.09 -8.83
N ILE D 125 -35.30 -10.68 -9.52
CA ILE D 125 -35.34 -9.35 -10.13
C ILE D 125 -36.51 -9.26 -11.11
N ASP D 126 -36.55 -10.23 -12.02
CA ASP D 126 -37.59 -10.16 -13.07
C ASP D 126 -38.98 -10.32 -12.44
N ASP D 127 -39.12 -11.25 -11.52
CA ASP D 127 -40.49 -11.42 -10.95
C ASP D 127 -40.91 -10.22 -10.17
N SER D 128 -39.98 -9.51 -9.49
CA SER D 128 -40.40 -8.28 -8.79
C SER D 128 -40.68 -7.15 -9.75
N ASP D 129 -39.92 -6.96 -10.79
CA ASP D 129 -40.20 -5.94 -11.77
C ASP D 129 -41.55 -6.20 -12.49
N GLU D 130 -41.77 -7.47 -12.79
CA GLU D 130 -43.03 -7.79 -13.54
C GLU D 130 -44.24 -7.64 -12.70
N ALA D 131 -44.09 -7.67 -11.38
CA ALA D 131 -45.19 -7.38 -10.46
C ALA D 131 -45.38 -5.88 -10.29
N GLY D 132 -44.59 -5.01 -10.88
CA GLY D 132 -44.69 -3.57 -10.89
C GLY D 132 -43.97 -2.90 -9.71
N ASP D 133 -42.88 -3.58 -9.27
CA ASP D 133 -42.14 -3.01 -8.11
C ASP D 133 -40.65 -2.93 -8.47
N PRO D 134 -40.28 -1.93 -9.23
CA PRO D 134 -38.88 -1.77 -9.60
C PRO D 134 -38.05 -1.39 -8.41
N THR D 135 -38.60 -0.85 -7.31
CA THR D 135 -37.75 -0.56 -6.14
C THR D 135 -37.31 -1.86 -5.50
N THR D 136 -38.23 -2.86 -5.33
CA THR D 136 -37.77 -4.15 -4.86
C THR D 136 -36.87 -4.81 -5.92
N ALA D 137 -37.12 -4.67 -7.22
CA ALA D 137 -36.24 -5.25 -8.20
C ALA D 137 -34.79 -4.71 -8.04
N ASP D 138 -34.68 -3.46 -7.68
CA ASP D 138 -33.33 -2.89 -7.49
C ASP D 138 -32.62 -3.51 -6.31
N ILE D 139 -33.35 -3.78 -5.22
CA ILE D 139 -32.75 -4.49 -4.08
C ILE D 139 -32.18 -5.82 -4.53
N PHE D 140 -32.98 -6.58 -5.32
CA PHE D 140 -32.45 -7.89 -5.80
C PHE D 140 -31.32 -7.68 -6.80
N THR D 141 -31.34 -6.60 -7.59
CA THR D 141 -30.24 -6.38 -8.56
C THR D 141 -28.91 -6.12 -7.83
N ALA D 142 -29.04 -5.34 -6.77
CA ALA D 142 -27.81 -5.11 -5.96
C ALA D 142 -27.28 -6.37 -5.36
N ALA D 143 -28.17 -7.25 -4.88
CA ALA D 143 -27.77 -8.53 -4.34
C ALA D 143 -27.22 -9.42 -5.44
N SER D 144 -27.81 -9.41 -6.64
CA SER D 144 -27.29 -10.26 -7.70
C SER D 144 -25.89 -9.83 -8.09
N ARG D 145 -25.62 -8.52 -8.10
CA ARG D 145 -24.24 -8.17 -8.49
C ARG D 145 -23.21 -8.77 -7.54
N ASP D 146 -23.47 -8.75 -6.21
CA ASP D 146 -22.54 -9.33 -5.26
C ASP D 146 -22.53 -10.84 -5.36
N LEU D 147 -23.74 -11.46 -5.46
CA LEU D 147 -23.74 -12.93 -5.52
C LEU D 147 -23.04 -13.42 -6.79
N ASP D 148 -23.22 -12.77 -7.96
CA ASP D 148 -22.56 -13.26 -9.15
C ASP D 148 -21.04 -13.04 -9.04
N LYS D 149 -20.62 -11.97 -8.40
CA LYS D 149 -19.17 -11.76 -8.23
C LYS D 149 -18.60 -12.81 -7.28
N SER D 150 -19.33 -13.10 -6.19
CA SER D 150 -18.87 -14.09 -5.23
C SER D 150 -18.80 -15.49 -5.86
N LEU D 151 -19.81 -15.82 -6.67
CA LEU D 151 -19.81 -17.12 -7.39
C LEU D 151 -18.59 -17.19 -8.31
N TRP D 152 -18.28 -16.11 -9.03
CA TRP D 152 -17.05 -16.12 -9.87
C TRP D 152 -15.82 -16.31 -8.98
N PHE D 153 -15.67 -15.59 -7.89
CA PHE D 153 -14.46 -15.81 -7.05
C PHE D 153 -14.37 -17.24 -6.60
N LEU D 154 -15.44 -17.93 -6.23
CA LEU D 154 -15.34 -19.32 -5.87
C LEU D 154 -15.01 -20.17 -7.10
N GLU D 155 -15.75 -20.00 -8.23
CA GLU D 155 -15.47 -20.84 -9.40
C GLU D 155 -14.10 -20.63 -9.96
N ALA D 156 -13.57 -19.41 -9.92
CA ALA D 156 -12.21 -19.17 -10.43
C ALA D 156 -11.24 -20.11 -9.73
N HIS D 157 -11.38 -20.49 -8.49
CA HIS D 157 -10.42 -21.35 -7.80
C HIS D 157 -10.40 -22.75 -8.41
N VAL D 158 -11.52 -23.18 -8.97
CA VAL D 158 -11.58 -24.58 -9.44
C VAL D 158 -11.57 -24.67 -10.94
N GLN D 159 -11.62 -23.60 -11.75
CA GLN D 159 -11.73 -23.62 -13.18
C GLN D 159 -10.43 -24.05 -13.87
N GLU D 160 -9.32 -24.00 -13.18
CA GLU D 160 -8.07 -24.48 -13.79
C GLU D 160 -7.33 -25.13 -12.63
N LYS D 161 -6.43 -26.07 -12.93
CA LYS D 161 -5.63 -26.75 -11.94
C LYS D 161 -4.43 -25.94 -11.46
N SER D 162 -3.96 -24.93 -12.21
CA SER D 162 -2.81 -24.29 -11.45
C SER D 162 -2.66 -22.85 -11.87
N MET E 1 22.20 -22.71 2.00
CA MET E 1 21.70 -21.35 1.61
C MET E 1 21.83 -21.04 0.14
N LYS E 2 20.90 -21.53 -0.66
CA LYS E 2 20.81 -21.38 -2.10
C LYS E 2 20.61 -19.95 -2.60
N THR E 3 21.27 -19.63 -3.71
CA THR E 3 21.15 -18.36 -4.43
C THR E 3 19.87 -18.50 -5.26
N HIS E 4 19.01 -17.49 -5.27
CA HIS E 4 17.71 -17.64 -5.94
C HIS E 4 17.74 -16.96 -7.29
N LYS E 5 17.13 -17.58 -8.30
CA LYS E 5 17.09 -16.97 -9.64
C LYS E 5 16.05 -15.85 -9.80
N THR E 6 16.48 -14.80 -10.46
CA THR E 6 15.64 -13.62 -10.62
C THR E 6 15.91 -12.92 -11.92
N LYS E 7 14.92 -12.24 -12.48
CA LYS E 7 15.09 -11.39 -13.66
C LYS E 7 15.84 -10.08 -13.28
N ASN E 8 15.93 -9.72 -12.00
CA ASN E 8 16.61 -8.45 -11.64
C ASN E 8 18.04 -8.51 -12.20
N ASP E 9 18.41 -7.48 -12.96
CA ASP E 9 19.71 -7.61 -13.67
C ASP E 9 20.85 -6.92 -12.99
N LEU E 10 20.72 -6.55 -11.74
CA LEU E 10 21.94 -5.99 -11.04
C LEU E 10 23.04 -7.03 -11.18
N PRO E 11 24.26 -6.63 -11.53
CA PRO E 11 25.30 -7.66 -11.75
C PRO E 11 25.50 -8.58 -10.58
N SER E 12 25.89 -9.85 -10.78
CA SER E 12 26.08 -10.80 -9.75
C SER E 12 27.09 -10.36 -8.70
N ASN E 13 28.18 -9.69 -9.14
CA ASN E 13 29.14 -9.25 -8.15
C ASN E 13 28.57 -8.17 -7.23
N ALA E 14 27.76 -7.28 -7.75
CA ALA E 14 27.13 -6.24 -6.93
C ALA E 14 26.10 -6.91 -6.02
N LYS E 15 25.37 -7.89 -6.53
CA LYS E 15 24.39 -8.55 -5.66
C LYS E 15 25.09 -9.15 -4.45
N SER E 16 26.20 -9.91 -4.72
CA SER E 16 26.85 -10.57 -3.59
C SER E 16 27.39 -9.60 -2.54
N THR E 17 28.03 -8.53 -3.08
CA THR E 17 28.58 -7.52 -2.19
C THR E 17 27.50 -6.85 -1.29
N VAL E 18 26.43 -6.45 -2.00
CA VAL E 18 25.40 -5.68 -1.25
C VAL E 18 24.61 -6.58 -0.31
N ILE E 19 24.45 -7.87 -0.67
CA ILE E 19 23.79 -8.80 0.25
C ILE E 19 24.58 -8.84 1.55
N GLY E 20 25.93 -8.85 1.49
CA GLY E 20 26.72 -8.90 2.69
C GLY E 20 26.56 -7.63 3.54
N ILE E 21 26.50 -6.51 2.82
CA ILE E 21 26.33 -5.21 3.50
C ILE E 21 24.95 -5.17 4.22
N LEU E 22 23.96 -5.63 3.50
CA LEU E 22 22.60 -5.67 4.09
C LEU E 22 22.49 -6.56 5.27
N ASN E 23 22.93 -7.83 5.16
CA ASN E 23 22.83 -8.76 6.27
C ASN E 23 23.63 -8.31 7.49
N GLU E 24 24.83 -7.71 7.23
CA GLU E 24 25.57 -7.18 8.38
C GLU E 24 24.75 -6.12 9.13
N SER E 25 24.23 -5.17 8.34
CA SER E 25 23.42 -4.11 8.95
C SER E 25 22.16 -4.65 9.63
N LEU E 26 21.55 -5.65 9.03
CA LEU E 26 20.34 -6.25 9.60
C LEU E 26 20.58 -6.74 11.01
N ALA E 27 21.73 -7.44 11.21
CA ALA E 27 21.94 -7.97 12.55
C ALA E 27 22.05 -6.90 13.65
N SER E 28 22.79 -5.82 13.32
CA SER E 28 22.90 -4.73 14.32
C SER E 28 21.58 -3.94 14.48
N VAL E 29 20.79 -3.87 13.43
CA VAL E 29 19.47 -3.18 13.56
C VAL E 29 18.54 -4.03 14.39
N ILE E 30 18.58 -5.37 14.26
CA ILE E 30 17.68 -6.18 15.12
C ILE E 30 18.15 -6.07 16.56
N ASP E 31 19.50 -6.18 16.78
CA ASP E 31 19.95 -6.07 18.18
C ASP E 31 19.56 -4.73 18.80
N LEU E 32 19.70 -3.65 18.01
CA LEU E 32 19.32 -2.31 18.47
C LEU E 32 17.84 -2.24 18.78
N ALA E 33 17.03 -2.97 18.02
CA ALA E 33 15.59 -2.97 18.33
C ALA E 33 15.33 -3.66 19.67
N LEU E 34 16.07 -4.79 19.89
CA LEU E 34 15.91 -5.44 21.21
C LEU E 34 16.35 -4.54 22.37
N VAL E 35 17.53 -3.87 22.13
CA VAL E 35 18.05 -2.94 23.12
C VAL E 35 17.07 -1.83 23.47
N THR E 36 16.36 -1.35 22.41
CA THR E 36 15.46 -0.23 22.61
C THR E 36 14.32 -0.59 23.53
N LYS E 37 13.75 -1.80 23.43
CA LYS E 37 12.68 -2.24 24.30
C LYS E 37 13.25 -2.56 25.71
N GLN E 38 14.46 -3.15 25.74
CA GLN E 38 15.10 -3.46 27.05
C GLN E 38 15.15 -2.19 27.89
N ALA E 39 15.62 -1.09 27.26
CA ALA E 39 15.69 0.20 27.99
C ALA E 39 14.29 0.67 28.33
N HIS E 40 13.38 0.65 27.38
CA HIS E 40 11.99 1.12 27.55
C HIS E 40 11.31 0.47 28.74
N TRP E 41 11.44 -0.85 28.91
CA TRP E 41 10.79 -1.45 30.08
C TRP E 41 11.40 -1.06 31.42
N ASN E 42 12.75 -0.92 31.46
CA ASN E 42 13.47 -0.82 32.73
C ASN E 42 13.92 0.54 33.16
N LEU E 43 13.60 1.58 32.39
CA LEU E 43 14.02 2.93 32.74
C LEU E 43 13.23 3.46 33.91
N LYS E 44 13.90 4.20 34.80
CA LYS E 44 13.22 4.83 35.92
C LYS E 44 13.86 6.21 36.18
N GLY E 45 13.01 7.18 36.47
CA GLY E 45 13.57 8.51 36.77
C GLY E 45 12.59 9.60 36.42
N PRO E 46 12.92 10.87 36.57
CA PRO E 46 11.96 11.93 36.46
C PRO E 46 11.32 12.12 35.08
N GLN E 47 12.06 11.76 34.02
CA GLN E 47 11.46 11.88 32.70
C GLN E 47 10.97 10.55 32.22
N PHE E 48 10.54 9.64 33.10
CA PHE E 48 10.11 8.30 32.67
C PHE E 48 9.14 8.29 31.50
N ILE E 49 8.00 8.94 31.60
CA ILE E 49 6.97 8.59 30.58
C ILE E 49 7.42 9.15 29.24
N ALA E 50 8.06 10.33 29.20
CA ALA E 50 8.39 10.83 27.85
C ALA E 50 9.43 9.99 27.16
N VAL E 51 10.44 9.56 27.89
CA VAL E 51 11.50 8.72 27.32
C VAL E 51 10.96 7.33 27.01
N HIS E 52 10.15 6.76 27.92
CA HIS E 52 9.53 5.46 27.67
C HIS E 52 8.79 5.42 26.36
N GLU E 53 7.93 6.46 26.16
CA GLU E 53 7.13 6.49 24.92
C GLU E 53 7.98 6.82 23.71
N LEU E 54 9.02 7.65 23.82
CA LEU E 54 9.83 7.95 22.65
C LEU E 54 10.50 6.68 22.13
N LEU E 55 10.94 5.84 23.07
CA LEU E 55 11.63 4.60 22.65
C LEU E 55 10.73 3.68 21.86
N ASP E 56 9.40 3.71 22.14
CA ASP E 56 8.53 2.89 21.28
C ASP E 56 8.47 3.42 19.86
N THR E 57 8.54 4.76 19.68
CA THR E 57 8.59 5.26 18.30
C THR E 57 9.85 4.79 17.62
N PHE E 58 10.99 4.82 18.34
CA PHE E 58 12.23 4.36 17.72
C PHE E 58 12.13 2.89 17.31
N ARG E 59 11.54 2.06 18.20
CA ARG E 59 11.44 0.61 17.91
C ARG E 59 10.61 0.43 16.65
N THR E 60 9.51 1.16 16.46
CA THR E 60 8.73 0.99 15.21
C THR E 60 9.58 1.33 14.01
N GLN E 61 10.37 2.40 14.12
CA GLN E 61 11.21 2.74 12.99
C GLN E 61 12.25 1.70 12.69
N LEU E 62 12.87 1.13 13.75
CA LEU E 62 13.89 0.10 13.50
C LEU E 62 13.26 -1.15 12.92
N ASP E 63 12.02 -1.48 13.25
CA ASP E 63 11.30 -2.61 12.68
C ASP E 63 11.08 -2.35 11.20
N ASN E 64 10.73 -1.11 10.86
CA ASN E 64 10.44 -0.82 9.44
C ASN E 64 11.73 -0.87 8.62
N HIS E 65 12.81 -0.27 9.08
CA HIS E 65 14.07 -0.33 8.32
C HIS E 65 14.66 -1.71 8.33
N GLY E 66 14.54 -2.46 9.42
CA GLY E 66 15.07 -3.83 9.43
C GLY E 66 14.32 -4.65 8.39
N ASP E 67 12.99 -4.46 8.28
CA ASP E 67 12.24 -5.19 7.29
C ASP E 67 12.66 -4.79 5.90
N THR E 68 12.82 -3.49 5.59
CA THR E 68 13.20 -3.08 4.23
C THR E 68 14.56 -3.64 3.89
N ILE E 69 15.51 -3.60 4.81
CA ILE E 69 16.85 -4.18 4.56
C ILE E 69 16.76 -5.67 4.33
N ALA E 70 16.00 -6.41 5.14
CA ALA E 70 15.96 -7.86 4.93
C ALA E 70 15.31 -8.23 3.62
N GLU E 71 14.21 -7.49 3.25
CA GLU E 71 13.50 -7.76 2.02
C GLU E 71 14.47 -7.52 0.84
N ARG E 72 15.33 -6.48 0.97
CA ARG E 72 16.25 -6.22 -0.15
C ARG E 72 17.25 -7.37 -0.33
N VAL E 73 17.68 -7.98 0.77
CA VAL E 73 18.56 -9.15 0.60
C VAL E 73 17.87 -10.16 -0.30
N VAL E 74 16.60 -10.48 -0.01
CA VAL E 74 15.91 -11.49 -0.79
C VAL E 74 15.68 -11.05 -2.21
N GLN E 75 15.35 -9.78 -2.44
CA GLN E 75 15.14 -9.26 -3.80
C GLN E 75 16.45 -9.48 -4.61
N LEU E 76 17.60 -9.41 -3.98
CA LEU E 76 18.86 -9.60 -4.71
C LEU E 76 19.21 -11.06 -4.83
N GLY E 77 18.41 -12.01 -4.39
CA GLY E 77 18.63 -13.44 -4.55
C GLY E 77 19.27 -14.06 -3.32
N GLY E 78 19.39 -13.34 -2.22
CA GLY E 78 20.01 -13.85 -1.03
C GLY E 78 19.03 -14.39 0.01
N THR E 79 19.61 -14.77 1.13
CA THR E 79 18.83 -15.24 2.28
C THR E 79 18.91 -14.20 3.38
N ALA E 80 17.79 -13.63 3.82
CA ALA E 80 17.89 -12.67 4.94
C ALA E 80 18.21 -13.44 6.23
N LEU E 81 19.17 -12.93 6.99
CA LEU E 81 19.61 -13.66 8.20
C LEU E 81 19.28 -12.80 9.42
N GLY E 82 18.11 -13.12 10.02
CA GLY E 82 17.60 -12.36 11.15
C GLY E 82 17.21 -13.20 12.34
N SER E 83 17.58 -14.49 12.37
CA SER E 83 17.26 -15.28 13.55
C SER E 83 18.13 -14.90 14.75
N LEU E 84 17.76 -15.42 15.92
CA LEU E 84 18.51 -15.13 17.12
C LEU E 84 19.96 -15.50 16.95
N GLN E 85 20.25 -16.67 16.34
CA GLN E 85 21.65 -17.09 16.17
C GLN E 85 22.39 -16.23 15.17
N ALA E 86 21.73 -15.81 14.10
CA ALA E 86 22.44 -14.97 13.10
C ALA E 86 22.79 -13.62 13.70
N VAL E 87 21.83 -13.05 14.42
CA VAL E 87 22.02 -11.74 15.09
C VAL E 87 23.15 -11.86 16.10
N SER E 88 23.15 -12.94 16.89
CA SER E 88 24.27 -13.06 17.87
C SER E 88 25.63 -13.16 17.20
N SER E 89 25.71 -13.85 16.06
CA SER E 89 27.04 -14.01 15.43
C SER E 89 27.49 -12.81 14.66
N THR E 90 26.58 -11.86 14.31
CA THR E 90 26.92 -10.79 13.40
C THR E 90 26.79 -9.39 13.97
N THR E 91 26.04 -9.29 15.08
CA THR E 91 25.89 -7.93 15.62
C THR E 91 27.21 -7.29 15.98
N LYS E 92 27.31 -5.96 15.80
CA LYS E 92 28.52 -5.26 16.22
C LYS E 92 28.32 -4.62 17.57
N LEU E 93 27.16 -4.74 18.21
CA LEU E 93 26.94 -4.08 19.49
C LEU E 93 27.37 -4.88 20.71
N LYS E 94 27.92 -4.13 21.68
CA LYS E 94 28.25 -4.82 22.93
C LYS E 94 26.99 -5.20 23.70
N ALA E 95 27.03 -6.27 24.46
CA ALA E 95 25.87 -6.65 25.27
C ALA E 95 25.36 -5.50 26.09
N TYR E 96 24.03 -5.28 26.08
CA TYR E 96 23.41 -4.22 26.87
C TYR E 96 23.38 -4.57 28.33
N PRO E 97 23.70 -3.65 29.24
CA PRO E 97 23.66 -3.98 30.65
C PRO E 97 22.24 -4.17 31.15
N THR E 98 22.07 -5.28 31.90
CA THR E 98 20.70 -5.54 32.43
C THR E 98 20.56 -5.07 33.86
N ASP E 99 21.55 -4.38 34.43
CA ASP E 99 21.47 -3.92 35.81
C ASP E 99 21.56 -2.40 35.97
N ILE E 100 21.10 -1.72 34.91
CA ILE E 100 20.97 -0.26 34.96
C ILE E 100 19.51 0.15 34.90
N TYR E 101 19.16 1.25 35.56
CA TYR E 101 17.79 1.72 35.72
C TYR E 101 17.67 3.23 35.51
N LYS E 102 18.55 4.04 36.07
CA LYS E 102 18.44 5.48 35.91
C LYS E 102 18.29 5.84 34.42
N ILE E 103 17.46 6.82 34.16
CA ILE E 103 17.31 7.30 32.77
C ILE E 103 18.65 7.71 32.19
N HIS E 104 19.47 8.46 32.93
CA HIS E 104 20.75 8.86 32.31
C HIS E 104 21.66 7.70 31.97
N ASP E 105 21.57 6.62 32.75
CA ASP E 105 22.33 5.42 32.44
C ASP E 105 21.88 4.77 31.10
N HIS E 106 20.56 4.68 31.00
CA HIS E 106 20.02 4.09 29.76
C HIS E 106 20.33 5.01 28.59
N LEU E 107 20.18 6.30 28.75
CA LEU E 107 20.52 7.21 27.65
C LEU E 107 21.97 7.03 27.23
N ASP E 108 22.92 6.90 28.16
CA ASP E 108 24.33 6.77 27.70
C ASP E 108 24.50 5.45 26.94
N ALA E 109 23.90 4.37 27.42
CA ALA E 109 24.05 3.07 26.73
C ALA E 109 23.36 3.05 25.34
N LEU E 110 22.20 3.70 25.31
CA LEU E 110 21.50 3.81 24.02
C LEU E 110 22.28 4.67 23.06
N ILE E 111 22.82 5.83 23.54
CA ILE E 111 23.57 6.71 22.58
C ILE E 111 24.76 5.96 22.01
N GLU E 112 25.45 5.12 22.81
CA GLU E 112 26.58 4.36 22.24
C GLU E 112 26.18 3.49 21.06
N ARG E 113 25.06 2.80 21.27
CA ARG E 113 24.61 1.82 20.28
C ARG E 113 23.90 2.44 19.09
N TYR E 114 23.11 3.46 19.40
CA TYR E 114 22.51 4.22 18.29
C TYR E 114 23.58 4.88 17.46
N GLY E 115 24.61 5.40 18.12
CA GLY E 115 25.69 6.04 17.29
C GLY E 115 26.39 4.96 16.46
N GLU E 116 26.63 3.77 17.02
CA GLU E 116 27.31 2.78 16.16
C GLU E 116 26.44 2.41 14.98
N VAL E 117 25.13 2.16 15.18
CA VAL E 117 24.30 1.73 14.06
C VAL E 117 24.10 2.89 13.08
N ALA E 118 23.91 4.12 13.58
CA ALA E 118 23.80 5.24 12.68
C ALA E 118 24.99 5.34 11.76
N ASN E 119 26.18 5.20 12.36
CA ASN E 119 27.41 5.33 11.56
C ASN E 119 27.64 4.15 10.64
N MET E 120 27.19 2.95 11.03
CA MET E 120 27.30 1.79 10.14
C MET E 120 26.41 1.98 8.90
N ILE E 121 25.18 2.49 9.17
CA ILE E 121 24.27 2.69 8.03
C ILE E 121 24.76 3.82 7.18
N ARG E 122 25.41 4.88 7.70
CA ARG E 122 25.97 5.95 6.89
C ARG E 122 27.03 5.36 5.94
N LYS E 123 27.88 4.46 6.47
CA LYS E 123 28.88 3.83 5.57
C LYS E 123 28.24 2.98 4.53
N ALA E 124 27.17 2.25 4.89
CA ALA E 124 26.49 1.33 3.97
C ALA E 124 25.87 2.10 2.80
N ILE E 125 25.51 3.36 2.97
CA ILE E 125 24.99 4.09 1.79
C ILE E 125 26.10 4.17 0.73
N ASP E 126 27.29 4.63 1.16
CA ASP E 126 28.40 4.79 0.21
C ASP E 126 28.83 3.46 -0.33
N ASP E 127 28.93 2.43 0.50
CA ASP E 127 29.38 1.14 0.00
C ASP E 127 28.39 0.55 -0.99
N SER E 128 27.07 0.70 -0.73
CA SER E 128 26.10 0.20 -1.68
C SER E 128 26.12 0.95 -2.99
N ASP E 129 26.23 2.28 -2.96
CA ASP E 129 26.33 3.04 -4.20
C ASP E 129 27.61 2.64 -4.98
N GLU E 130 28.73 2.54 -4.22
CA GLU E 130 29.97 2.23 -4.98
C GLU E 130 29.93 0.84 -5.56
N ALA E 131 29.17 -0.07 -4.95
CA ALA E 131 29.03 -1.43 -5.52
C ALA E 131 28.09 -1.36 -6.72
N GLY E 132 27.43 -0.30 -7.08
CA GLY E 132 26.60 -0.08 -8.20
C GLY E 132 25.11 -0.38 -7.98
N ASP E 133 24.67 -0.15 -6.74
CA ASP E 133 23.23 -0.39 -6.43
C ASP E 133 22.63 0.83 -5.76
N PRO E 134 22.29 1.89 -6.48
CA PRO E 134 21.68 3.07 -5.88
C PRO E 134 20.32 2.78 -5.27
N THR E 135 19.60 1.74 -5.72
CA THR E 135 18.29 1.44 -5.09
C THR E 135 18.59 0.97 -3.68
N THR E 136 19.54 0.05 -3.43
CA THR E 136 19.87 -0.30 -2.09
C THR E 136 20.41 0.91 -1.33
N ALA E 137 21.24 1.75 -1.97
CA ALA E 137 21.76 2.94 -1.27
C ALA E 137 20.61 3.80 -0.80
N ASP E 138 19.50 3.90 -1.50
CA ASP E 138 18.37 4.69 -1.09
C ASP E 138 17.68 4.06 0.10
N ILE E 139 17.59 2.75 0.20
CA ILE E 139 17.07 2.10 1.42
C ILE E 139 17.88 2.52 2.66
N PHE E 140 19.23 2.46 2.51
CA PHE E 140 20.09 2.87 3.62
C PHE E 140 20.00 4.37 3.90
N THR E 141 19.76 5.21 2.88
CA THR E 141 19.66 6.62 3.11
C THR E 141 18.39 6.95 3.92
N ALA E 142 17.28 6.28 3.59
CA ALA E 142 16.09 6.51 4.40
C ALA E 142 16.35 6.07 5.83
N ALA E 143 17.02 4.92 6.04
CA ALA E 143 17.32 4.48 7.41
C ALA E 143 18.24 5.47 8.12
N SER E 144 19.20 6.02 7.39
CA SER E 144 20.14 6.96 7.99
C SER E 144 19.45 8.22 8.43
N ARG E 145 18.46 8.68 7.66
CA ARG E 145 17.75 9.89 8.11
C ARG E 145 17.06 9.63 9.46
N ASP E 146 16.43 8.47 9.64
CA ASP E 146 15.77 8.25 10.92
C ASP E 146 16.77 7.92 12.00
N LEU E 147 17.88 7.21 11.71
CA LEU E 147 18.87 6.91 12.80
C LEU E 147 19.57 8.18 13.23
N ASP E 148 19.89 9.09 12.30
CA ASP E 148 20.55 10.33 12.73
C ASP E 148 19.60 11.18 13.50
N LYS E 149 18.30 11.18 13.14
CA LYS E 149 17.35 11.99 13.93
C LYS E 149 17.16 11.38 15.33
N SER E 150 17.04 10.07 15.41
CA SER E 150 16.88 9.42 16.70
C SER E 150 18.14 9.62 17.56
N LEU E 151 19.35 9.51 17.00
CA LEU E 151 20.58 9.74 17.77
C LEU E 151 20.55 11.17 18.30
N TRP E 152 20.15 12.16 17.52
CA TRP E 152 20.03 13.52 17.99
C TRP E 152 19.01 13.64 19.13
N PHE E 153 17.83 13.01 18.97
CA PHE E 153 16.84 13.11 20.07
C PHE E 153 17.42 12.53 21.36
N LEU E 154 18.18 11.42 21.31
CA LEU E 154 18.82 10.88 22.52
C LEU E 154 19.89 11.83 23.06
N GLU E 155 20.79 12.29 22.21
CA GLU E 155 21.89 13.15 22.68
C GLU E 155 21.35 14.49 23.17
N ALA E 156 20.26 15.02 22.62
CA ALA E 156 19.78 16.33 23.11
C ALA E 156 19.30 16.26 24.53
N HIS E 157 18.98 15.11 25.11
CA HIS E 157 18.62 14.99 26.52
C HIS E 157 19.84 15.09 27.42
N VAL E 158 21.03 14.85 26.88
CA VAL E 158 22.20 14.90 27.82
C VAL E 158 23.17 15.97 27.43
N GLN E 159 23.02 16.72 26.34
CA GLN E 159 23.96 17.72 25.91
C GLN E 159 23.91 18.97 26.81
N GLU E 160 22.82 19.16 27.49
CA GLU E 160 22.73 20.18 28.57
C GLU E 160 22.04 19.50 29.71
N LYS E 161 22.21 19.96 30.95
CA LYS E 161 21.65 19.41 32.14
C LYS E 161 20.50 20.19 32.73
N SER E 162 20.11 21.29 32.03
CA SER E 162 18.98 22.08 32.50
C SER E 162 18.28 22.75 31.31
N MET F 1 21.66 -6.67 39.13
CA MET F 1 20.31 -6.06 38.95
C MET F 1 19.68 -5.92 40.34
N LYS F 2 18.64 -5.12 40.50
CA LYS F 2 18.06 -4.94 41.82
C LYS F 2 16.54 -4.88 41.83
N THR F 3 15.99 -5.32 42.95
CA THR F 3 14.55 -5.35 43.24
C THR F 3 14.04 -3.93 43.42
N HIS F 4 12.79 -3.62 43.02
CA HIS F 4 12.31 -2.25 43.11
C HIS F 4 11.13 -2.18 44.07
N LYS F 5 11.13 -1.15 44.89
CA LYS F 5 10.04 -0.95 45.85
C LYS F 5 8.77 -0.42 45.20
N THR F 6 7.66 -1.03 45.59
CA THR F 6 6.34 -0.72 45.08
C THR F 6 5.24 -0.84 46.12
N LYS F 7 4.15 -0.08 45.97
CA LYS F 7 2.99 -0.23 46.84
C LYS F 7 2.20 -1.49 46.44
N ASN F 8 2.42 -2.06 45.25
CA ASN F 8 1.65 -3.25 44.84
C ASN F 8 1.83 -4.31 45.98
N ASP F 9 0.70 -4.80 46.50
CA ASP F 9 0.85 -5.69 47.66
C ASP F 9 0.84 -7.17 47.36
N LEU F 10 1.00 -7.60 46.10
CA LEU F 10 1.09 -9.05 45.85
C LEU F 10 2.24 -9.57 46.72
N PRO F 11 2.07 -10.70 47.44
CA PRO F 11 3.14 -11.12 48.31
C PRO F 11 4.50 -11.29 47.71
N SER F 12 5.57 -10.98 48.42
CA SER F 12 6.91 -11.04 47.83
C SER F 12 7.27 -12.37 47.22
N ASN F 13 6.90 -13.49 47.83
CA ASN F 13 7.29 -14.78 47.24
C ASN F 13 6.49 -15.00 45.94
N ALA F 14 5.25 -14.53 45.89
CA ALA F 14 4.47 -14.62 44.68
C ALA F 14 5.12 -13.75 43.57
N LYS F 15 5.51 -12.54 43.94
CA LYS F 15 6.19 -11.66 42.96
C LYS F 15 7.39 -12.39 42.39
N SER F 16 8.26 -12.97 43.28
CA SER F 16 9.48 -13.62 42.82
C SER F 16 9.20 -14.78 41.87
N THR F 17 8.27 -15.64 42.27
CA THR F 17 7.85 -16.76 41.41
C THR F 17 7.33 -16.29 40.03
N VAL F 18 6.41 -15.31 40.09
CA VAL F 18 5.81 -14.92 38.81
C VAL F 18 6.75 -14.14 37.92
N ILE F 19 7.69 -13.36 38.49
CA ILE F 19 8.72 -12.74 37.66
C ILE F 19 9.51 -13.80 36.92
N GLY F 20 9.85 -14.94 37.54
CA GLY F 20 10.58 -15.98 36.85
C GLY F 20 9.79 -16.60 35.68
N ILE F 21 8.50 -16.85 35.89
CA ILE F 21 7.62 -17.35 34.85
C ILE F 21 7.56 -16.36 33.68
N LEU F 22 7.38 -15.08 34.01
CA LEU F 22 7.25 -14.06 32.95
C LEU F 22 8.54 -13.90 32.19
N ASN F 23 9.73 -13.79 32.85
CA ASN F 23 10.95 -13.66 32.09
C ASN F 23 11.26 -14.88 31.25
N GLU F 24 10.94 -16.08 31.79
CA GLU F 24 11.15 -17.26 30.95
C GLU F 24 10.29 -17.25 29.69
N SER F 25 9.01 -16.89 29.86
CA SER F 25 8.14 -16.79 28.70
C SER F 25 8.58 -15.68 27.75
N LEU F 26 9.04 -14.55 28.29
CA LEU F 26 9.46 -13.42 27.46
C LEU F 26 10.54 -13.83 26.51
N ALA F 27 11.56 -14.63 26.97
CA ALA F 27 12.64 -14.97 26.07
C ALA F 27 12.16 -15.84 24.89
N SER F 28 11.26 -16.80 25.16
CA SER F 28 10.80 -17.62 24.02
C SER F 28 9.87 -16.84 23.09
N VAL F 29 9.09 -15.89 23.67
CA VAL F 29 8.20 -15.08 22.80
C VAL F 29 9.06 -14.17 21.91
N ILE F 30 10.15 -13.60 22.45
CA ILE F 30 10.98 -12.75 21.59
C ILE F 30 11.68 -13.57 20.51
N ASP F 31 12.16 -14.78 20.93
CA ASP F 31 12.76 -15.62 19.87
C ASP F 31 11.75 -15.99 18.82
N LEU F 32 10.52 -16.32 19.23
CA LEU F 32 9.48 -16.64 18.25
C LEU F 32 9.14 -15.43 17.35
N ALA F 33 9.22 -14.21 17.91
CA ALA F 33 8.98 -13.06 17.02
C ALA F 33 10.07 -12.96 15.97
N LEU F 34 11.34 -13.24 16.36
CA LEU F 34 12.41 -13.21 15.35
C LEU F 34 12.23 -14.29 14.29
N VAL F 35 11.86 -15.48 14.75
CA VAL F 35 11.63 -16.60 13.84
C VAL F 35 10.51 -16.31 12.83
N THR F 36 9.50 -15.55 13.33
CA THR F 36 8.34 -15.26 12.45
C THR F 36 8.76 -14.40 11.29
N LYS F 37 9.59 -13.37 11.56
CA LYS F 37 10.10 -12.56 10.48
C LYS F 37 11.12 -13.34 9.61
N GLN F 38 11.97 -14.16 10.22
CA GLN F 38 12.91 -14.97 9.40
C GLN F 38 12.14 -15.78 8.37
N ALA F 39 11.02 -16.39 8.76
CA ALA F 39 10.25 -17.18 7.81
C ALA F 39 9.60 -16.24 6.83
N HIS F 40 8.98 -15.15 7.29
CA HIS F 40 8.30 -14.16 6.44
C HIS F 40 9.18 -13.70 5.28
N TRP F 41 10.47 -13.40 5.55
CA TRP F 41 11.27 -12.89 4.47
C TRP F 41 11.67 -13.96 3.48
N ASN F 42 11.90 -15.20 3.97
CA ASN F 42 12.56 -16.18 3.10
C ASN F 42 11.68 -17.23 2.49
N LEU F 43 10.40 -17.23 2.83
CA LEU F 43 9.54 -18.28 2.25
C LEU F 43 9.20 -18.03 0.81
N LYS F 44 9.09 -19.18 0.08
CA LYS F 44 8.81 -19.10 -1.35
C LYS F 44 7.93 -20.30 -1.72
N GLY F 45 6.97 -20.03 -2.62
CA GLY F 45 6.10 -21.15 -3.01
C GLY F 45 4.74 -20.64 -3.42
N PRO F 46 3.76 -21.47 -3.77
CA PRO F 46 2.55 -21.08 -4.40
C PRO F 46 1.64 -20.19 -3.58
N GLN F 47 1.73 -20.27 -2.27
CA GLN F 47 0.89 -19.35 -1.49
C GLN F 47 1.71 -18.26 -0.83
N PHE F 48 2.77 -17.86 -1.56
CA PHE F 48 3.68 -16.88 -0.93
C PHE F 48 2.96 -15.71 -0.29
N ILE F 49 2.20 -14.92 -1.07
CA ILE F 49 1.76 -13.64 -0.49
C ILE F 49 0.86 -13.83 0.72
N ALA F 50 -0.07 -14.81 0.66
CA ALA F 50 -0.98 -14.96 1.79
C ALA F 50 -0.25 -15.33 3.07
N VAL F 51 0.72 -16.29 2.95
CA VAL F 51 1.43 -16.74 4.14
C VAL F 51 2.40 -15.63 4.60
N HIS F 52 3.09 -14.97 3.64
CA HIS F 52 3.97 -13.83 4.02
C HIS F 52 3.24 -12.78 4.84
N GLU F 53 2.04 -12.40 4.34
CA GLU F 53 1.29 -11.35 5.07
C GLU F 53 0.76 -11.81 6.40
N LEU F 54 0.27 -13.04 6.47
CA LEU F 54 -0.24 -13.58 7.75
C LEU F 54 0.82 -13.53 8.82
N LEU F 55 2.07 -13.87 8.43
CA LEU F 55 3.12 -13.85 9.45
C LEU F 55 3.38 -12.46 10.00
N ASP F 56 3.10 -11.38 9.26
CA ASP F 56 3.26 -10.05 9.84
C ASP F 56 2.19 -9.85 10.90
N THR F 57 0.98 -10.35 10.71
CA THR F 57 -0.02 -10.15 11.77
C THR F 57 0.43 -10.90 13.03
N PHE F 58 1.00 -12.11 12.85
CA PHE F 58 1.46 -12.86 14.03
C PHE F 58 2.59 -12.12 14.74
N ARG F 59 3.52 -11.52 13.94
CA ARG F 59 4.60 -10.78 14.61
C ARG F 59 4.06 -9.60 15.44
N THR F 60 3.06 -8.89 14.93
CA THR F 60 2.50 -7.76 15.75
C THR F 60 1.91 -8.31 17.03
N GLN F 61 1.22 -9.47 16.96
CA GLN F 61 0.63 -10.03 18.17
C GLN F 61 1.71 -10.42 19.16
N LEU F 62 2.79 -11.08 18.68
CA LEU F 62 3.88 -11.43 19.58
C LEU F 62 4.54 -10.21 20.20
N ASP F 63 4.66 -9.14 19.43
CA ASP F 63 5.19 -7.91 19.99
C ASP F 63 4.33 -7.36 21.10
N ASN F 64 3.01 -7.41 20.90
CA ASN F 64 2.14 -6.88 21.97
C ASN F 64 2.13 -7.76 23.19
N HIS F 65 2.09 -9.10 23.02
CA HIS F 65 2.15 -9.94 24.24
C HIS F 65 3.52 -9.92 24.91
N GLY F 66 4.60 -9.85 24.12
CA GLY F 66 5.92 -9.73 24.73
C GLY F 66 6.00 -8.48 25.54
N ASP F 67 5.50 -7.35 25.04
CA ASP F 67 5.52 -6.09 25.78
C ASP F 67 4.69 -6.21 27.05
N THR F 68 3.49 -6.83 26.98
CA THR F 68 2.66 -6.93 28.19
C THR F 68 3.35 -7.81 29.23
N ILE F 69 3.98 -8.90 28.82
CA ILE F 69 4.69 -9.76 29.80
C ILE F 69 5.83 -9.01 30.41
N ALA F 70 6.64 -8.32 29.57
CA ALA F 70 7.78 -7.61 30.16
C ALA F 70 7.41 -6.55 31.13
N GLU F 71 6.33 -5.76 30.74
CA GLU F 71 5.86 -4.69 31.63
C GLU F 71 5.41 -5.28 32.95
N ARG F 72 4.80 -6.47 32.93
CA ARG F 72 4.33 -7.08 34.18
C ARG F 72 5.51 -7.43 35.09
N VAL F 73 6.62 -7.90 34.49
CA VAL F 73 7.79 -8.16 35.35
C VAL F 73 8.10 -6.94 36.17
N VAL F 74 8.18 -5.78 35.46
CA VAL F 74 8.60 -4.52 36.10
C VAL F 74 7.56 -4.02 37.08
N GLN F 75 6.27 -4.18 36.80
CA GLN F 75 5.21 -3.82 37.78
C GLN F 75 5.43 -4.62 39.07
N LEU F 76 5.90 -5.82 39.01
CA LEU F 76 6.09 -6.67 40.20
C LEU F 76 7.46 -6.39 40.83
N GLY F 77 8.13 -5.35 40.44
CA GLY F 77 9.43 -4.96 41.03
C GLY F 77 10.60 -5.69 40.41
N GLY F 78 10.52 -6.44 39.33
CA GLY F 78 11.61 -7.13 38.70
C GLY F 78 12.27 -6.32 37.56
N THR F 79 13.19 -7.04 36.92
CA THR F 79 13.90 -6.44 35.76
C THR F 79 13.48 -7.29 34.57
N ALA F 80 12.89 -6.64 33.53
CA ALA F 80 12.54 -7.43 32.33
C ALA F 80 13.79 -7.78 31.55
N LEU F 81 13.92 -9.04 31.17
CA LEU F 81 15.13 -9.51 30.50
C LEU F 81 14.83 -9.90 29.07
N GLY F 82 15.04 -8.94 28.17
CA GLY F 82 14.74 -9.07 26.76
C GLY F 82 15.86 -8.75 25.82
N SER F 83 17.08 -8.59 26.30
CA SER F 83 18.21 -8.29 25.41
C SER F 83 18.59 -9.51 24.62
N LEU F 84 19.38 -9.35 23.54
CA LEU F 84 19.83 -10.49 22.75
C LEU F 84 20.46 -11.55 23.64
N GLN F 85 21.30 -11.18 24.57
CA GLN F 85 21.97 -12.18 25.43
C GLN F 85 21.03 -12.86 26.39
N ALA F 86 20.05 -12.14 26.93
CA ALA F 86 19.09 -12.80 27.82
C ALA F 86 18.24 -13.79 27.02
N VAL F 87 17.83 -13.38 25.81
CA VAL F 87 17.00 -14.27 25.01
C VAL F 87 17.80 -15.53 24.64
N SER F 88 19.08 -15.32 24.28
CA SER F 88 19.86 -16.51 23.91
C SER F 88 20.06 -17.43 25.09
N SER F 89 20.28 -16.93 26.29
CA SER F 89 20.47 -17.86 27.41
C SER F 89 19.21 -18.48 27.89
N THR F 90 17.99 -17.94 27.62
CA THR F 90 16.78 -18.42 28.24
C THR F 90 15.75 -19.03 27.29
N THR F 91 15.87 -18.79 26.00
CA THR F 91 14.89 -19.36 25.04
C THR F 91 14.84 -20.89 25.11
N LYS F 92 13.64 -21.42 24.90
CA LYS F 92 13.51 -22.87 24.86
C LYS F 92 13.45 -23.37 23.44
N LEU F 93 13.51 -22.49 22.43
CA LEU F 93 13.36 -22.85 21.05
C LEU F 93 14.68 -23.28 20.39
N LYS F 94 14.62 -24.30 19.53
CA LYS F 94 15.80 -24.69 18.79
C LYS F 94 16.12 -23.68 17.69
N ALA F 95 17.39 -23.55 17.39
CA ALA F 95 17.77 -22.61 16.34
C ALA F 95 16.98 -22.86 15.07
N TYR F 96 16.47 -21.75 14.48
CA TYR F 96 15.68 -21.88 13.24
C TYR F 96 16.56 -22.11 12.05
N PRO F 97 16.25 -23.01 11.13
CA PRO F 97 17.05 -23.28 9.98
C PRO F 97 17.13 -22.11 9.04
N THR F 98 18.30 -21.75 8.59
CA THR F 98 18.44 -20.62 7.68
C THR F 98 18.58 -21.07 6.25
N ASP F 99 18.46 -22.37 5.95
CA ASP F 99 18.62 -22.89 4.62
C ASP F 99 17.37 -23.52 4.05
N ILE F 100 16.19 -23.12 4.65
CA ILE F 100 14.90 -23.58 4.12
C ILE F 100 14.16 -22.44 3.40
N TYR F 101 13.38 -22.79 2.37
CA TYR F 101 12.68 -21.82 1.52
C TYR F 101 11.26 -22.25 1.21
N LYS F 102 11.02 -23.54 0.98
CA LYS F 102 9.64 -23.97 0.65
C LYS F 102 8.70 -23.54 1.76
N ILE F 103 7.50 -23.10 1.34
CA ILE F 103 6.50 -22.74 2.35
C ILE F 103 6.22 -23.87 3.31
N HIS F 104 6.07 -25.10 2.82
CA HIS F 104 5.80 -26.19 3.73
C HIS F 104 6.89 -26.44 4.74
N ASP F 105 8.14 -26.19 4.35
CA ASP F 105 9.25 -26.34 5.30
C ASP F 105 9.21 -25.27 6.40
N HIS F 106 8.91 -24.04 6.01
CA HIS F 106 8.74 -22.98 7.02
C HIS F 106 7.52 -23.30 7.88
N LEU F 107 6.40 -23.68 7.28
CA LEU F 107 5.25 -24.01 8.12
C LEU F 107 5.60 -25.09 9.15
N ASP F 108 6.34 -26.13 8.75
CA ASP F 108 6.66 -27.15 9.75
C ASP F 108 7.46 -26.61 10.92
N ALA F 109 8.49 -25.82 10.55
CA ALA F 109 9.41 -25.26 11.51
C ALA F 109 8.68 -24.30 12.47
N LEU F 110 7.77 -23.49 11.86
CA LEU F 110 6.97 -22.56 12.68
C LEU F 110 6.01 -23.28 13.57
N ILE F 111 5.33 -24.35 13.06
CA ILE F 111 4.40 -25.09 13.89
C ILE F 111 5.08 -25.68 15.11
N GLU F 112 6.28 -26.19 14.92
CA GLU F 112 7.00 -26.72 16.09
C GLU F 112 7.22 -25.65 17.19
N ARG F 113 7.64 -24.46 16.74
CA ARG F 113 7.99 -23.40 17.71
C ARG F 113 6.76 -22.70 18.27
N TYR F 114 5.75 -22.48 17.39
CA TYR F 114 4.51 -21.90 17.89
C TYR F 114 3.86 -22.85 18.88
N GLY F 115 3.97 -24.18 18.58
CA GLY F 115 3.38 -25.15 19.54
C GLY F 115 4.06 -25.06 20.89
N GLU F 116 5.42 -25.02 20.89
CA GLU F 116 6.17 -24.96 22.12
C GLU F 116 5.79 -23.72 22.92
N VAL F 117 5.75 -22.53 22.26
CA VAL F 117 5.39 -21.33 22.98
C VAL F 117 3.91 -21.32 23.43
N ALA F 118 2.99 -21.81 22.58
CA ALA F 118 1.59 -21.91 23.02
C ALA F 118 1.41 -22.76 24.26
N ASN F 119 2.19 -23.86 24.28
CA ASN F 119 2.04 -24.77 25.44
C ASN F 119 2.75 -24.24 26.67
N MET F 120 3.87 -23.53 26.48
CA MET F 120 4.53 -22.86 27.61
C MET F 120 3.58 -21.85 28.25
N ILE F 121 2.93 -21.01 27.38
CA ILE F 121 2.02 -19.99 27.89
C ILE F 121 0.83 -20.61 28.56
N ARG F 122 0.33 -21.74 28.05
CA ARG F 122 -0.80 -22.43 28.68
C ARG F 122 -0.46 -22.82 30.13
N LYS F 123 0.79 -23.33 30.30
CA LYS F 123 1.20 -23.75 31.63
C LYS F 123 1.43 -22.54 32.53
N ALA F 124 1.89 -21.41 31.95
CA ALA F 124 2.12 -20.19 32.71
C ALA F 124 0.85 -19.61 33.31
N ILE F 125 -0.30 -19.77 32.68
CA ILE F 125 -1.59 -19.35 33.24
C ILE F 125 -1.79 -20.03 34.61
N ASP F 126 -1.66 -21.36 34.55
CA ASP F 126 -1.93 -22.12 35.76
C ASP F 126 -0.92 -21.87 36.88
N ASP F 127 0.33 -21.74 36.46
CA ASP F 127 1.39 -21.50 37.47
C ASP F 127 1.24 -20.13 38.08
N SER F 128 0.80 -19.14 37.27
CA SER F 128 0.57 -17.81 37.82
C SER F 128 -0.60 -17.72 38.76
N ASP F 129 -1.66 -18.40 38.38
CA ASP F 129 -2.85 -18.45 39.23
C ASP F 129 -2.53 -19.22 40.53
N GLU F 130 -1.80 -20.32 40.47
CA GLU F 130 -1.48 -21.07 41.72
C GLU F 130 -0.62 -20.22 42.61
N ALA F 131 0.19 -19.30 42.07
CA ALA F 131 1.03 -18.44 42.88
C ALA F 131 0.22 -17.30 43.45
N GLY F 132 -1.07 -17.13 43.17
CA GLY F 132 -1.91 -16.13 43.78
C GLY F 132 -1.91 -14.81 42.98
N ASP F 133 -1.67 -14.96 41.65
CA ASP F 133 -1.66 -13.67 40.87
C ASP F 133 -2.52 -13.84 39.62
N PRO F 134 -3.82 -13.75 39.80
CA PRO F 134 -4.75 -13.83 38.66
C PRO F 134 -4.56 -12.67 37.67
N THR F 135 -4.02 -11.51 38.09
CA THR F 135 -3.79 -10.45 37.09
C THR F 135 -2.77 -10.91 36.09
N THR F 136 -1.63 -11.47 36.54
CA THR F 136 -0.65 -12.01 35.62
C THR F 136 -1.23 -13.18 34.85
N ALA F 137 -2.03 -14.06 35.46
CA ALA F 137 -2.65 -15.16 34.77
C ALA F 137 -3.52 -14.66 33.62
N ASP F 138 -4.20 -13.55 33.82
CA ASP F 138 -5.01 -13.01 32.69
C ASP F 138 -4.10 -12.52 31.56
N ILE F 139 -2.91 -11.98 31.82
CA ILE F 139 -2.02 -11.56 30.75
C ILE F 139 -1.64 -12.77 29.93
N PHE F 140 -1.30 -13.89 30.61
CA PHE F 140 -0.98 -15.11 29.91
C PHE F 140 -2.21 -15.70 29.20
N THR F 141 -3.42 -15.52 29.72
CA THR F 141 -4.59 -16.08 29.03
C THR F 141 -4.86 -15.34 27.74
N ALA F 142 -4.70 -14.01 27.79
CA ALA F 142 -4.86 -13.28 26.52
C ALA F 142 -3.85 -13.71 25.49
N ALA F 143 -2.58 -13.92 25.93
CA ALA F 143 -1.56 -14.40 24.99
C ALA F 143 -1.88 -15.80 24.49
N SER F 144 -2.34 -16.70 25.37
CA SER F 144 -2.72 -18.04 24.98
C SER F 144 -3.80 -18.08 23.92
N ARG F 145 -4.76 -17.15 24.06
CA ARG F 145 -5.84 -17.15 23.03
C ARG F 145 -5.22 -16.86 21.67
N ASP F 146 -4.32 -15.87 21.61
CA ASP F 146 -3.73 -15.55 20.31
C ASP F 146 -2.77 -16.63 19.82
N LEU F 147 -1.97 -17.22 20.71
CA LEU F 147 -1.05 -18.27 20.32
C LEU F 147 -1.77 -19.53 19.82
N ASP F 148 -2.88 -19.89 20.52
CA ASP F 148 -3.58 -21.11 20.09
C ASP F 148 -4.30 -20.87 18.75
N LYS F 149 -4.77 -19.61 18.54
CA LYS F 149 -5.39 -19.33 17.22
C LYS F 149 -4.35 -19.31 16.09
N SER F 150 -3.20 -18.71 16.39
CA SER F 150 -2.13 -18.65 15.40
C SER F 150 -1.61 -20.06 15.06
N LEU F 151 -1.50 -20.90 16.11
CA LEU F 151 -1.07 -22.30 15.88
C LEU F 151 -2.05 -23.00 14.97
N TRP F 152 -3.36 -22.83 15.27
CA TRP F 152 -4.40 -23.41 14.39
C TRP F 152 -4.21 -22.88 12.99
N PHE F 153 -4.10 -21.55 12.81
CA PHE F 153 -3.94 -21.06 11.42
C PHE F 153 -2.80 -21.74 10.69
N LEU F 154 -1.64 -21.90 11.35
CA LEU F 154 -0.51 -22.57 10.71
C LEU F 154 -0.83 -24.05 10.42
N GLU F 155 -1.31 -24.76 11.42
CA GLU F 155 -1.59 -26.19 11.17
C GLU F 155 -2.67 -26.43 10.14
N ALA F 156 -3.68 -25.54 10.03
CA ALA F 156 -4.73 -25.75 9.04
C ALA F 156 -4.22 -25.70 7.62
N HIS F 157 -3.07 -25.05 7.36
CA HIS F 157 -2.49 -25.04 6.04
C HIS F 157 -1.89 -26.41 5.67
N VAL F 158 -1.51 -27.22 6.66
CA VAL F 158 -0.82 -28.50 6.27
C VAL F 158 -1.65 -29.66 6.65
N GLN F 159 -2.78 -29.55 7.32
CA GLN F 159 -3.64 -30.66 7.73
C GLN F 159 -4.31 -31.40 6.57
N GLU F 160 -4.51 -30.69 5.49
CA GLU F 160 -4.93 -31.28 4.20
C GLU F 160 -4.06 -30.77 3.11
N LYS F 161 -3.97 -31.48 1.96
CA LYS F 161 -3.18 -31.05 0.83
C LYS F 161 -3.95 -30.38 -0.29
N SER F 162 -5.28 -30.31 -0.14
CA SER F 162 -6.10 -29.76 -1.23
C SER F 162 -7.35 -29.21 -0.54
FE FE G . -0.69 14.00 -10.44
FE FE H . -11.87 -5.82 -9.05
C TRS I . -28.06 0.98 -8.02
C1 TRS I . -28.56 0.65 -6.61
C2 TRS I . -26.79 0.16 -8.26
C3 TRS I . -27.78 2.40 -8.09
N TRS I . -29.10 0.58 -9.01
O1 TRS I . -29.72 1.42 -6.28
O2 TRS I . -26.98 -1.20 -8.04
O3 TRS I . -27.22 2.79 -9.32
FE FE J . 10.34 18.88 13.97
FE FE K . -31.43 -2.96 9.11
C1 EDO L . -28.05 -13.32 7.32
O1 EDO L . -27.23 -12.53 8.45
C2 EDO L . -29.27 -12.37 6.86
O2 EDO L . -30.00 -11.70 7.79
FE FE M . 7.76 -7.02 5.00
C TRS N . 13.48 9.07 -0.92
C1 TRS N . 13.13 7.62 -0.63
C2 TRS N . 13.50 9.85 0.40
C3 TRS N . 12.48 9.62 -1.81
N TRS N . 14.86 9.12 -1.50
O1 TRS N . 13.09 6.85 -1.84
O2 TRS N . 14.36 9.37 1.37
O3 TRS N . 12.65 11.01 -2.10
FE FE O . 4.94 -0.82 26.46
#